data_4XGO
#
_entry.id   4XGO
#
_cell.length_a   64.423
_cell.length_b   74.956
_cell.length_c   214.370
_cell.angle_alpha   90.00
_cell.angle_beta   90.00
_cell.angle_gamma   90.00
#
_symmetry.space_group_name_H-M   'P 21 21 21'
#
loop_
_entity.id
_entity.type
_entity.pdbx_description
1 polymer 'Anopheles Plasmodium-responsive Leucine-rich repeat protein 1B'
2 branched 2-acetamido-2-deoxy-beta-D-glucopyranose-(1-4)-2-acetamido-2-deoxy-beta-D-glucopyranose
3 non-polymer 'PHOSPHATE ION'
4 non-polymer 'ACETATE ION'
5 non-polymer GLYCEROL
6 non-polymer 'CHLORIDE ION'
7 non-polymer 'SODIUM ION'
8 water water
#
_entity_poly.entity_id   1
_entity_poly.type   'polypeptide(L)'
_entity_poly.pdbx_seq_one_letter_code
;GQLSYKSMHLTPFTLSALLASFHKVEVLNLNGLQIEEIDTNAFAYAHTIQKLYMRFNVIRYLPPHVFQNVPLLTVLMLDR
NDLSSLPPGIFHNTPKLTMMSMSNNNLERIEDDTFQATTALQNLQLSSNRLTHVDLALIPSLFHVNVSYNLLSTLAIPIA
VEELDASHNTINVVRGPVNVELTILKLQHNNLTDTAWLLNYPGLVDVDLSYNQLEKITYQHFVKMQRLERLYVSNNRLVA
LDFYGRPIPTLKVLDLSHNHLMWVEHNQAQFDKLQYLYLDHNSIVTFKLSTSHTLKNLTLSHNDWDCNSLRALFRNVAQP
AVHDADQHCKIDYHLEHGLCCKESDKPYLDHHHHHH
;
_entity_poly.pdbx_strand_id   A,B
#
loop_
_chem_comp.id
_chem_comp.type
_chem_comp.name
_chem_comp.formula
ACT non-polymer 'ACETATE ION' 'C2 H3 O2 -1'
CL non-polymer 'CHLORIDE ION' 'Cl -1'
GOL non-polymer GLYCEROL 'C3 H8 O3'
NA non-polymer 'SODIUM ION' 'Na 1'
NAG D-saccharide, beta linking 2-acetamido-2-deoxy-beta-D-glucopyranose 'C8 H15 N O6'
PO4 non-polymer 'PHOSPHATE ION' 'O4 P -3'
#
# COMPACT_ATOMS: atom_id res chain seq x y z
N TYR A 5 -13.83 -7.57 -1.24
CA TYR A 5 -14.26 -7.71 0.20
C TYR A 5 -15.17 -6.52 0.55
N LYS A 6 -16.38 -6.81 1.05
CA LYS A 6 -17.34 -5.73 1.37
C LYS A 6 -17.22 -5.31 2.85
N SER A 7 -17.43 -4.02 3.11
CA SER A 7 -17.23 -3.46 4.45
C SER A 7 -18.39 -3.76 5.38
N MET A 8 -18.09 -3.84 6.68
CA MET A 8 -19.09 -4.21 7.68
C MET A 8 -19.17 -3.18 8.79
N HIS A 9 -20.34 -3.11 9.43
CA HIS A 9 -20.55 -2.32 10.63
C HIS A 9 -20.41 -3.27 11.81
N LEU A 10 -19.63 -2.89 12.82
CA LEU A 10 -19.50 -3.67 14.02
C LEU A 10 -20.54 -3.19 15.04
N THR A 11 -21.56 -4.02 15.22
CA THR A 11 -22.69 -3.70 16.10
C THR A 11 -22.81 -4.83 17.13
N PRO A 12 -23.60 -4.63 18.21
CA PRO A 12 -23.77 -5.79 19.05
C PRO A 12 -24.27 -7.04 18.30
N PHE A 13 -25.12 -6.87 17.30
CA PHE A 13 -25.59 -7.99 16.49
C PHE A 13 -24.44 -8.62 15.70
N THR A 14 -23.71 -7.82 14.94
CA THR A 14 -22.68 -8.42 14.10
C THR A 14 -21.54 -9.01 14.95
N LEU A 15 -21.22 -8.38 16.08
CA LEU A 15 -20.21 -8.94 16.96
C LEU A 15 -20.71 -10.25 17.59
N SER A 16 -21.99 -10.30 17.96
CA SER A 16 -22.59 -11.53 18.51
CA SER A 16 -22.60 -11.53 18.50
C SER A 16 -22.48 -12.67 17.51
N ALA A 17 -22.82 -12.38 16.26
CA ALA A 17 -22.78 -13.41 15.21
C ALA A 17 -21.35 -13.88 14.96
N LEU A 18 -20.41 -12.95 14.91
CA LEU A 18 -18.99 -13.30 14.84
C LEU A 18 -18.51 -14.17 15.98
N LEU A 19 -18.79 -13.76 17.21
CA LEU A 19 -18.38 -14.52 18.40
C LEU A 19 -18.96 -15.93 18.39
N ALA A 20 -20.22 -16.08 17.94
CA ALA A 20 -20.86 -17.39 17.87
C ALA A 20 -20.13 -18.29 16.87
N SER A 21 -19.76 -17.71 15.72
CA SER A 21 -19.01 -18.47 14.69
C SER A 21 -17.61 -18.87 15.20
N PHE A 22 -16.98 -17.99 15.99
CA PHE A 22 -15.66 -18.25 16.55
C PHE A 22 -15.77 -19.34 17.62
N HIS A 23 -16.80 -19.24 18.44
CA HIS A 23 -17.00 -20.17 19.57
C HIS A 23 -17.10 -21.62 19.10
N LYS A 24 -17.80 -21.83 17.98
CA LYS A 24 -17.95 -23.15 17.36
C LYS A 24 -16.72 -23.61 16.53
N VAL A 25 -15.74 -22.73 16.40
CA VAL A 25 -14.52 -22.99 15.62
C VAL A 25 -14.92 -23.32 14.18
N GLU A 26 -15.97 -22.64 13.71
CA GLU A 26 -16.42 -22.79 12.35
C GLU A 26 -15.81 -21.69 11.50
N VAL A 27 -15.57 -20.53 12.11
CA VAL A 27 -14.87 -19.43 11.45
C VAL A 27 -13.62 -19.19 12.27
N LEU A 28 -12.46 -19.22 11.62
CA LEU A 28 -11.21 -19.01 12.31
C LEU A 28 -10.54 -17.79 11.73
N ASN A 29 -10.38 -16.76 12.55
CA ASN A 29 -9.71 -15.55 12.12
C ASN A 29 -8.25 -15.50 12.59
N LEU A 30 -7.34 -15.80 11.67
CA LEU A 30 -5.92 -15.69 11.90
C LEU A 30 -5.36 -14.51 11.12
N ASN A 31 -6.21 -13.57 10.74
CA ASN A 31 -5.72 -12.40 10.01
C ASN A 31 -4.78 -11.58 10.90
N GLY A 32 -3.72 -11.04 10.30
CA GLY A 32 -2.93 -10.01 10.93
C GLY A 32 -2.12 -10.46 12.15
N LEU A 33 -1.76 -11.75 12.18
CA LEU A 33 -1.03 -12.30 13.34
C LEU A 33 0.47 -12.53 13.08
N GLN A 34 0.99 -11.90 12.03
CA GLN A 34 2.41 -12.02 11.60
C GLN A 34 2.82 -13.49 11.44
N ILE A 35 1.93 -14.31 10.90
CA ILE A 35 2.21 -15.71 10.64
C ILE A 35 3.16 -15.81 9.48
N GLU A 36 4.26 -16.52 9.69
CA GLU A 36 5.24 -16.73 8.63
C GLU A 36 5.26 -18.19 8.19
N GLU A 37 5.67 -19.11 9.04
CA GLU A 37 5.66 -20.53 8.65
C GLU A 37 4.36 -21.17 9.11
N ILE A 38 3.85 -22.10 8.31
CA ILE A 38 2.73 -22.93 8.71
C ILE A 38 3.16 -24.39 8.61
N ASP A 39 2.96 -25.14 9.68
CA ASP A 39 3.27 -26.58 9.65
C ASP A 39 2.18 -27.33 8.90
N THR A 40 2.55 -28.42 8.21
CA THR A 40 1.59 -29.21 7.47
C THR A 40 0.42 -29.66 8.33
N ASN A 41 0.69 -30.01 9.58
CA ASN A 41 -0.36 -30.49 10.49
C ASN A 41 -0.98 -29.38 11.36
N ALA A 42 -0.84 -28.12 10.96
CA ALA A 42 -1.31 -27.01 11.80
C ALA A 42 -2.76 -27.15 12.21
N PHE A 43 -3.61 -27.65 11.31
CA PHE A 43 -5.03 -27.78 11.57
C PHE A 43 -5.51 -29.19 11.97
N ALA A 44 -4.59 -30.01 12.45
CA ALA A 44 -4.89 -31.40 12.82
C ALA A 44 -6.01 -31.59 13.86
N TYR A 45 -6.15 -30.61 14.75
CA TYR A 45 -7.15 -30.63 15.82
C TYR A 45 -8.27 -29.60 15.61
N ALA A 46 -8.47 -29.20 14.35
CA ALA A 46 -9.42 -28.14 14.02
C ALA A 46 -10.21 -28.51 12.77
N HIS A 47 -10.77 -29.72 12.76
CA HIS A 47 -11.48 -30.22 11.58
C HIS A 47 -12.83 -29.55 11.33
N THR A 48 -13.29 -28.73 12.28
CA THR A 48 -14.57 -28.05 12.17
C THR A 48 -14.54 -26.79 11.27
N ILE A 49 -13.35 -26.32 10.88
CA ILE A 49 -13.25 -25.03 10.15
C ILE A 49 -13.96 -25.06 8.80
N GLN A 50 -14.85 -24.10 8.59
CA GLN A 50 -15.48 -23.90 7.30
C GLN A 50 -14.97 -22.63 6.64
N LYS A 51 -14.66 -21.59 7.42
CA LYS A 51 -14.10 -20.33 6.88
C LYS A 51 -12.79 -20.02 7.56
N LEU A 52 -11.73 -19.91 6.76
CA LEU A 52 -10.39 -19.72 7.30
C LEU A 52 -9.81 -18.43 6.76
N TYR A 53 -9.57 -17.49 7.68
CA TYR A 53 -9.04 -16.18 7.30
C TYR A 53 -7.60 -16.07 7.75
N MET A 54 -6.68 -15.92 6.77
CA MET A 54 -5.25 -15.74 7.06
C MET A 54 -4.65 -14.55 6.28
N ARG A 55 -5.48 -13.52 6.14
CA ARG A 55 -5.10 -12.29 5.42
C ARG A 55 -4.11 -11.46 6.26
N PHE A 56 -3.28 -10.68 5.59
CA PHE A 56 -2.37 -9.73 6.22
C PHE A 56 -1.38 -10.41 7.16
N ASN A 57 -0.78 -11.49 6.68
CA ASN A 57 0.29 -12.15 7.40
C ASN A 57 1.55 -12.04 6.55
N VAL A 58 2.53 -12.90 6.80
CA VAL A 58 3.76 -12.87 6.00
C VAL A 58 4.08 -14.27 5.51
N ILE A 59 3.05 -14.98 5.05
CA ILE A 59 3.17 -16.37 4.68
C ILE A 59 3.89 -16.46 3.34
N ARG A 60 4.97 -17.24 3.31
CA ARG A 60 5.81 -17.37 2.10
C ARG A 60 5.50 -18.64 1.30
N TYR A 61 5.16 -19.72 2.00
CA TYR A 61 4.82 -21.00 1.38
C TYR A 61 3.66 -21.65 2.10
N LEU A 62 2.86 -22.41 1.34
CA LEU A 62 1.86 -23.30 1.91
C LEU A 62 2.35 -24.75 1.75
N PRO A 63 2.34 -25.54 2.83
CA PRO A 63 2.61 -26.97 2.65
C PRO A 63 1.53 -27.62 1.77
N PRO A 64 1.91 -28.55 0.88
CA PRO A 64 0.92 -29.07 -0.09
C PRO A 64 -0.32 -29.72 0.54
N HIS A 65 -0.16 -30.37 1.69
CA HIS A 65 -1.26 -31.08 2.33
C HIS A 65 -1.85 -30.36 3.56
N VAL A 66 -1.55 -29.07 3.70
CA VAL A 66 -2.01 -28.32 4.87
C VAL A 66 -3.54 -28.32 5.02
N PHE A 67 -4.29 -28.37 3.91
CA PHE A 67 -5.75 -28.31 3.97
C PHE A 67 -6.47 -29.66 4.00
N GLN A 68 -5.72 -30.75 4.00
CA GLN A 68 -6.31 -32.07 4.20
C GLN A 68 -7.06 -32.15 5.53
N ASN A 69 -6.60 -31.41 6.53
CA ASN A 69 -7.25 -31.39 7.83
C ASN A 69 -8.49 -30.52 7.92
N VAL A 70 -8.80 -29.75 6.86
CA VAL A 70 -9.99 -28.90 6.86
C VAL A 70 -10.92 -29.22 5.66
N PRO A 71 -11.51 -30.43 5.64
CA PRO A 71 -12.29 -30.84 4.47
C PRO A 71 -13.64 -30.11 4.30
N LEU A 72 -14.08 -29.39 5.32
CA LEU A 72 -15.34 -28.66 5.25
C LEU A 72 -15.12 -27.22 4.76
N LEU A 73 -13.89 -26.88 4.39
CA LEU A 73 -13.53 -25.51 4.02
C LEU A 73 -14.41 -25.01 2.87
N THR A 74 -15.09 -23.88 3.09
CA THR A 74 -15.87 -23.24 2.07
C THR A 74 -15.30 -21.87 1.68
N VAL A 75 -14.59 -21.20 2.59
CA VAL A 75 -14.04 -19.86 2.33
C VAL A 75 -12.61 -19.81 2.81
N LEU A 76 -11.69 -19.43 1.94
CA LEU A 76 -10.29 -19.28 2.28
C LEU A 76 -9.81 -17.92 1.81
N MET A 77 -9.30 -17.11 2.73
CA MET A 77 -8.82 -15.78 2.41
CA MET A 77 -8.84 -15.75 2.47
C MET A 77 -7.37 -15.65 2.83
N LEU A 78 -6.51 -15.47 1.82
CA LEU A 78 -5.07 -15.38 2.02
C LEU A 78 -4.52 -14.14 1.36
N ASP A 79 -5.34 -13.10 1.28
CA ASP A 79 -4.91 -11.83 0.69
C ASP A 79 -3.80 -11.24 1.52
N ARG A 80 -2.88 -10.53 0.85
CA ARG A 80 -1.82 -9.80 1.53
C ARG A 80 -0.87 -10.72 2.28
N ASN A 81 -0.24 -11.60 1.51
CA ASN A 81 0.84 -12.45 2.02
C ASN A 81 1.97 -12.45 0.97
N ASP A 82 2.90 -13.38 1.09
CA ASP A 82 4.09 -13.37 0.25
C ASP A 82 4.20 -14.63 -0.58
N LEU A 83 3.08 -15.22 -0.98
CA LEU A 83 3.12 -16.45 -1.76
C LEU A 83 3.55 -16.13 -3.20
N SER A 84 4.43 -16.98 -3.74
CA SER A 84 4.84 -16.87 -5.14
C SER A 84 4.31 -18.03 -6.00
N SER A 85 3.88 -19.12 -5.37
CA SER A 85 3.28 -20.24 -6.09
C SER A 85 2.38 -21.04 -5.18
N LEU A 86 1.54 -21.88 -5.77
CA LEU A 86 0.74 -22.83 -5.01
C LEU A 86 1.27 -24.23 -5.33
N PRO A 87 1.43 -25.07 -4.30
CA PRO A 87 1.97 -26.41 -4.55
C PRO A 87 0.94 -27.36 -5.13
N PRO A 88 1.39 -28.41 -5.86
CA PRO A 88 0.41 -29.36 -6.40
C PRO A 88 -0.37 -30.03 -5.29
N GLY A 89 -1.69 -30.11 -5.46
CA GLY A 89 -2.57 -30.78 -4.54
C GLY A 89 -3.11 -29.87 -3.44
N ILE A 90 -2.80 -28.58 -3.48
CA ILE A 90 -3.18 -27.68 -2.40
C ILE A 90 -4.69 -27.73 -2.10
N PHE A 91 -5.53 -27.81 -3.14
CA PHE A 91 -6.99 -27.87 -2.95
C PHE A 91 -7.61 -29.23 -3.31
N HIS A 92 -6.80 -30.28 -3.31
CA HIS A 92 -7.31 -31.58 -3.71
C HIS A 92 -8.39 -32.12 -2.75
N ASN A 93 -8.27 -31.76 -1.47
CA ASN A 93 -9.15 -32.28 -0.45
C ASN A 93 -10.08 -31.21 0.11
N THR A 94 -10.30 -30.14 -0.67
CA THR A 94 -11.23 -29.08 -0.27
C THR A 94 -12.35 -28.87 -1.30
N PRO A 95 -13.21 -29.89 -1.48
CA PRO A 95 -14.21 -29.84 -2.57
C PRO A 95 -15.37 -28.89 -2.34
N LYS A 96 -15.53 -28.42 -1.11
CA LYS A 96 -16.63 -27.55 -0.77
C LYS A 96 -16.28 -26.08 -0.95
N LEU A 97 -15.05 -25.79 -1.38
CA LEU A 97 -14.58 -24.40 -1.48
C LEU A 97 -15.44 -23.62 -2.46
N THR A 98 -16.00 -22.50 -2.01
CA THR A 98 -16.81 -21.62 -2.85
C THR A 98 -16.20 -20.25 -3.10
N MET A 99 -15.34 -19.80 -2.19
CA MET A 99 -14.66 -18.51 -2.31
C MET A 99 -13.21 -18.67 -1.90
N MET A 100 -12.32 -18.18 -2.76
CA MET A 100 -10.91 -18.23 -2.49
C MET A 100 -10.33 -16.89 -2.87
N SER A 101 -9.74 -16.21 -1.89
CA SER A 101 -9.14 -14.93 -2.14
C SER A 101 -7.66 -14.97 -1.85
N MET A 102 -6.86 -14.53 -2.81
CA MET A 102 -5.42 -14.46 -2.66
C MET A 102 -4.86 -13.22 -3.39
N SER A 103 -5.56 -12.11 -3.25
CA SER A 103 -5.08 -10.87 -3.81
C SER A 103 -3.81 -10.42 -3.09
N ASN A 104 -3.02 -9.61 -3.77
CA ASN A 104 -1.87 -8.98 -3.13
C ASN A 104 -0.87 -9.98 -2.56
N ASN A 105 -0.61 -11.04 -3.32
CA ASN A 105 0.56 -11.88 -3.10
C ASN A 105 1.55 -11.64 -4.26
N ASN A 106 2.46 -12.58 -4.47
CA ASN A 106 3.42 -12.50 -5.56
C ASN A 106 3.27 -13.66 -6.51
N LEU A 107 2.04 -14.11 -6.73
CA LEU A 107 1.84 -15.33 -7.51
C LEU A 107 2.20 -15.11 -8.97
N GLU A 108 2.97 -16.04 -9.52
CA GLU A 108 3.45 -15.97 -10.92
C GLU A 108 2.56 -16.81 -11.83
N ARG A 109 2.12 -17.97 -11.34
CA ARG A 109 1.28 -18.86 -12.14
C ARG A 109 0.28 -19.58 -11.27
N ILE A 110 -0.87 -19.90 -11.85
CA ILE A 110 -1.81 -20.90 -11.31
C ILE A 110 -1.80 -22.05 -12.27
N GLU A 111 -1.32 -23.22 -11.83
CA GLU A 111 -1.29 -24.39 -12.72
C GLU A 111 -2.69 -24.92 -12.99
N ASP A 112 -2.83 -25.58 -14.14
CA ASP A 112 -4.15 -25.96 -14.65
C ASP A 112 -4.93 -26.96 -13.77
N ASP A 113 -4.25 -27.75 -12.94
CA ASP A 113 -4.95 -28.71 -12.05
C ASP A 113 -5.32 -28.14 -10.67
N THR A 114 -5.00 -26.88 -10.43
CA THR A 114 -5.16 -26.27 -9.11
C THR A 114 -6.61 -26.40 -8.61
N PHE A 115 -7.57 -26.16 -9.50
CA PHE A 115 -8.98 -26.12 -9.12
C PHE A 115 -9.81 -27.30 -9.65
N GLN A 116 -9.15 -28.43 -9.88
CA GLN A 116 -9.84 -29.64 -10.39
C GLN A 116 -10.93 -30.15 -9.44
N ALA A 117 -10.65 -30.17 -8.14
CA ALA A 117 -11.55 -30.76 -7.16
C ALA A 117 -12.56 -29.74 -6.65
N THR A 118 -12.26 -28.45 -6.84
CA THR A 118 -13.12 -27.40 -6.34
C THR A 118 -14.22 -27.05 -7.32
N THR A 119 -15.13 -28.00 -7.51
CA THR A 119 -16.18 -27.89 -8.53
C THR A 119 -17.35 -27.01 -8.12
N ALA A 120 -17.28 -26.40 -6.93
CA ALA A 120 -18.27 -25.44 -6.49
C ALA A 120 -17.68 -24.05 -6.33
N LEU A 121 -16.45 -23.85 -6.81
CA LEU A 121 -15.77 -22.56 -6.63
C LEU A 121 -16.49 -21.48 -7.45
N GLN A 122 -17.06 -20.48 -6.78
CA GLN A 122 -17.80 -19.45 -7.48
C GLN A 122 -17.13 -18.08 -7.49
N ASN A 123 -16.35 -17.78 -6.45
CA ASN A 123 -15.78 -16.46 -6.28
CA ASN A 123 -15.76 -16.45 -6.29
C ASN A 123 -14.26 -16.59 -6.13
N LEU A 124 -13.53 -15.98 -7.06
CA LEU A 124 -12.10 -16.12 -7.11
C LEU A 124 -11.47 -14.73 -7.24
N GLN A 125 -10.62 -14.40 -6.28
CA GLN A 125 -9.97 -13.09 -6.21
CA GLN A 125 -9.98 -13.08 -6.24
C GLN A 125 -8.47 -13.30 -6.25
N LEU A 126 -7.85 -12.86 -7.34
CA LEU A 126 -6.42 -13.01 -7.58
C LEU A 126 -5.79 -11.69 -8.00
N SER A 127 -6.44 -10.57 -7.70
CA SER A 127 -5.92 -9.28 -8.12
CA SER A 127 -5.93 -9.26 -8.10
C SER A 127 -4.57 -8.98 -7.47
N SER A 128 -3.75 -8.19 -8.17
CA SER A 128 -2.51 -7.66 -7.60
C SER A 128 -1.53 -8.75 -7.21
N ASN A 129 -1.30 -9.65 -8.15
CA ASN A 129 -0.18 -10.58 -8.08
C ASN A 129 0.76 -10.29 -9.26
N ARG A 130 1.48 -11.29 -9.76
CA ARG A 130 2.32 -11.16 -10.96
C ARG A 130 1.97 -12.24 -11.98
N LEU A 131 0.69 -12.54 -12.11
CA LEU A 131 0.24 -13.72 -12.84
C LEU A 131 0.48 -13.57 -14.33
N THR A 132 1.15 -14.56 -14.92
CA THR A 132 1.27 -14.65 -16.37
C THR A 132 0.45 -15.80 -16.95
N HIS A 133 -0.05 -16.67 -16.09
CA HIS A 133 -0.87 -17.76 -16.52
C HIS A 133 -1.91 -18.11 -15.47
N VAL A 134 -3.17 -18.12 -15.89
CA VAL A 134 -4.25 -18.74 -15.16
C VAL A 134 -5.36 -19.08 -16.15
N ASP A 135 -5.67 -20.37 -16.29
CA ASP A 135 -6.72 -20.81 -17.22
C ASP A 135 -8.06 -20.89 -16.48
N LEU A 136 -8.74 -19.75 -16.43
CA LEU A 136 -10.03 -19.66 -15.74
C LEU A 136 -11.10 -20.49 -16.41
N ALA A 137 -10.95 -20.73 -17.71
CA ALA A 137 -11.94 -21.45 -18.51
C ALA A 137 -12.11 -22.91 -18.09
N LEU A 138 -11.12 -23.44 -17.37
CA LEU A 138 -11.21 -24.76 -16.76
C LEU A 138 -12.16 -24.85 -15.58
N ILE A 139 -12.61 -23.71 -15.05
CA ILE A 139 -13.38 -23.68 -13.82
C ILE A 139 -14.79 -23.15 -14.11
N PRO A 140 -15.69 -24.02 -14.62
CA PRO A 140 -17.02 -23.59 -15.05
C PRO A 140 -17.99 -23.15 -13.94
N SER A 141 -17.65 -23.42 -12.69
CA SER A 141 -18.46 -22.99 -11.56
C SER A 141 -18.29 -21.49 -11.30
N LEU A 142 -17.28 -20.86 -11.90
CA LEU A 142 -17.01 -19.44 -11.55
C LEU A 142 -18.17 -18.51 -11.91
N PHE A 143 -18.47 -17.61 -10.98
CA PHE A 143 -19.55 -16.65 -11.10
C PHE A 143 -18.97 -15.23 -11.07
N HIS A 144 -18.06 -14.96 -10.14
CA HIS A 144 -17.43 -13.64 -9.97
C HIS A 144 -15.93 -13.85 -9.92
N VAL A 145 -15.18 -13.18 -10.81
CA VAL A 145 -13.77 -13.37 -10.90
C VAL A 145 -13.04 -12.02 -11.01
N ASN A 146 -11.94 -11.87 -10.28
CA ASN A 146 -11.13 -10.67 -10.37
C ASN A 146 -9.68 -11.09 -10.50
N VAL A 147 -9.10 -10.80 -11.67
CA VAL A 147 -7.70 -11.02 -11.93
C VAL A 147 -6.99 -9.71 -12.34
N SER A 148 -7.51 -8.58 -11.86
CA SER A 148 -6.95 -7.28 -12.21
C SER A 148 -5.55 -7.11 -11.62
N TYR A 149 -4.74 -6.25 -12.23
CA TYR A 149 -3.39 -5.96 -11.78
C TYR A 149 -2.51 -7.22 -11.75
N ASN A 150 -2.36 -7.82 -12.93
CA ASN A 150 -1.47 -8.94 -13.13
C ASN A 150 -0.70 -8.72 -14.44
N LEU A 151 -0.12 -9.79 -14.97
CA LEU A 151 0.69 -9.73 -16.20
C LEU A 151 0.16 -10.67 -17.26
N LEU A 152 -1.15 -10.80 -17.34
CA LEU A 152 -1.79 -11.75 -18.24
C LEU A 152 -1.80 -11.18 -19.67
N SER A 153 -1.54 -12.03 -20.65
CA SER A 153 -1.62 -11.61 -22.05
C SER A 153 -2.77 -12.31 -22.76
N THR A 154 -3.21 -13.45 -22.24
CA THR A 154 -4.34 -14.16 -22.83
C THR A 154 -5.38 -14.31 -21.74
N LEU A 155 -6.64 -14.05 -22.07
CA LEU A 155 -7.73 -14.21 -21.09
C LEU A 155 -8.70 -15.27 -21.58
N ALA A 156 -8.71 -16.43 -20.91
CA ALA A 156 -9.70 -17.44 -21.17
C ALA A 156 -10.88 -17.21 -20.23
N ILE A 157 -12.04 -16.90 -20.79
CA ILE A 157 -13.22 -16.60 -19.99
C ILE A 157 -14.05 -17.87 -19.83
N PRO A 158 -14.36 -18.25 -18.57
CA PRO A 158 -15.18 -19.46 -18.38
C PRO A 158 -16.64 -19.28 -18.88
N ILE A 159 -17.36 -20.39 -18.93
CA ILE A 159 -18.61 -20.47 -19.68
C ILE A 159 -19.79 -19.73 -19.05
N ALA A 160 -19.74 -19.52 -17.75
CA ALA A 160 -20.90 -18.95 -17.02
C ALA A 160 -20.55 -17.87 -16.00
N VAL A 161 -19.36 -17.31 -16.06
CA VAL A 161 -19.01 -16.18 -15.21
C VAL A 161 -19.91 -14.99 -15.55
N GLU A 162 -20.40 -14.33 -14.50
CA GLU A 162 -21.35 -13.23 -14.61
C GLU A 162 -20.63 -11.88 -14.54
N GLU A 163 -19.60 -11.79 -13.71
CA GLU A 163 -18.82 -10.57 -13.63
C GLU A 163 -17.34 -10.92 -13.59
N LEU A 164 -16.58 -10.25 -14.47
CA LEU A 164 -15.18 -10.52 -14.60
C LEU A 164 -14.38 -9.24 -14.74
N ASP A 165 -13.42 -9.05 -13.84
CA ASP A 165 -12.53 -7.91 -13.88
C ASP A 165 -11.12 -8.42 -14.21
N ALA A 166 -10.65 -8.07 -15.41
CA ALA A 166 -9.27 -8.36 -15.84
C ALA A 166 -8.51 -7.10 -16.26
N SER A 167 -8.87 -5.98 -15.63
CA SER A 167 -8.28 -4.68 -15.92
C SER A 167 -6.84 -4.67 -15.46
N HIS A 168 -6.03 -3.79 -16.06
CA HIS A 168 -4.65 -3.63 -15.67
C HIS A 168 -3.86 -4.94 -15.84
N ASN A 169 -3.92 -5.49 -17.04
CA ASN A 169 -3.06 -6.61 -17.44
C ASN A 169 -2.37 -6.19 -18.75
N THR A 170 -1.90 -7.15 -19.54
CA THR A 170 -1.38 -6.86 -20.90
C THR A 170 -2.12 -7.72 -21.92
N ILE A 171 -3.43 -7.83 -21.74
CA ILE A 171 -4.21 -8.77 -22.51
C ILE A 171 -4.35 -8.32 -23.97
N ASN A 172 -3.98 -9.19 -24.90
CA ASN A 172 -4.24 -8.97 -26.34
C ASN A 172 -5.12 -10.02 -27.01
N VAL A 173 -5.46 -11.08 -26.27
CA VAL A 173 -6.28 -12.17 -26.76
C VAL A 173 -7.32 -12.57 -25.72
N VAL A 174 -8.57 -12.64 -26.17
CA VAL A 174 -9.66 -13.15 -25.35
C VAL A 174 -10.19 -14.41 -26.02
N ARG A 175 -10.36 -15.47 -25.25
CA ARG A 175 -10.90 -16.73 -25.79
C ARG A 175 -11.84 -17.40 -24.81
N GLY A 176 -12.50 -18.46 -25.29
CA GLY A 176 -13.33 -19.30 -24.45
C GLY A 176 -14.71 -19.50 -25.06
N PRO A 177 -15.53 -20.35 -24.42
CA PRO A 177 -16.87 -20.71 -24.88
C PRO A 177 -17.85 -19.55 -24.91
N VAL A 178 -18.88 -19.66 -25.74
CA VAL A 178 -19.94 -18.66 -25.73
C VAL A 178 -20.52 -18.64 -24.31
N ASN A 179 -20.66 -17.44 -23.79
CA ASN A 179 -21.11 -17.26 -22.42
C ASN A 179 -22.22 -16.22 -22.47
N VAL A 180 -23.45 -16.65 -22.22
CA VAL A 180 -24.61 -15.74 -22.25
C VAL A 180 -24.91 -15.10 -20.91
N GLU A 181 -24.23 -15.56 -19.86
CA GLU A 181 -24.44 -15.02 -18.52
C GLU A 181 -23.58 -13.80 -18.20
N LEU A 182 -22.46 -13.63 -18.91
CA LEU A 182 -21.52 -12.54 -18.62
C LEU A 182 -22.18 -11.18 -18.82
N THR A 183 -22.20 -10.41 -17.74
CA THR A 183 -22.96 -9.17 -17.61
C THR A 183 -22.04 -7.96 -17.49
N ILE A 184 -21.01 -8.07 -16.68
CA ILE A 184 -20.08 -6.97 -16.45
C ILE A 184 -18.68 -7.47 -16.80
N LEU A 185 -18.03 -6.79 -17.75
CA LEU A 185 -16.68 -7.13 -18.17
C LEU A 185 -15.78 -5.88 -18.12
N LYS A 186 -14.76 -5.93 -17.26
CA LYS A 186 -13.84 -4.83 -17.11
C LYS A 186 -12.49 -5.26 -17.67
N LEU A 187 -12.12 -4.64 -18.78
CA LEU A 187 -10.88 -4.90 -19.50
C LEU A 187 -10.03 -3.65 -19.72
N GLN A 188 -10.31 -2.59 -18.96
CA GLN A 188 -9.58 -1.33 -19.14
C GLN A 188 -8.11 -1.51 -18.78
N HIS A 189 -7.23 -0.79 -19.47
CA HIS A 189 -5.79 -0.84 -19.25
C HIS A 189 -5.27 -2.23 -19.63
N ASN A 190 -5.40 -2.54 -20.92
CA ASN A 190 -4.87 -3.75 -21.50
C ASN A 190 -4.27 -3.45 -22.86
N ASN A 191 -4.07 -4.49 -23.67
CA ASN A 191 -3.44 -4.33 -24.99
C ASN A 191 -4.30 -4.86 -26.14
N LEU A 192 -5.60 -4.65 -26.03
CA LEU A 192 -6.54 -5.13 -27.02
C LEU A 192 -6.44 -4.29 -28.29
N THR A 193 -6.41 -5.00 -29.43
CA THR A 193 -6.49 -4.37 -30.75
C THR A 193 -7.69 -4.84 -31.57
N ASP A 194 -8.49 -5.76 -31.04
CA ASP A 194 -9.69 -6.20 -31.74
C ASP A 194 -10.80 -6.47 -30.76
N THR A 195 -12.01 -6.60 -31.30
CA THR A 195 -13.21 -6.85 -30.50
C THR A 195 -14.09 -7.96 -31.05
N ALA A 196 -13.58 -8.81 -31.95
CA ALA A 196 -14.41 -9.86 -32.55
C ALA A 196 -14.96 -10.82 -31.51
N TRP A 197 -14.21 -10.97 -30.41
CA TRP A 197 -14.58 -11.82 -29.29
C TRP A 197 -15.89 -11.38 -28.61
N LEU A 198 -16.29 -10.11 -28.77
CA LEU A 198 -17.57 -9.62 -28.21
C LEU A 198 -18.78 -10.42 -28.66
N LEU A 199 -18.69 -10.98 -29.86
CA LEU A 199 -19.78 -11.81 -30.41
C LEU A 199 -20.14 -13.02 -29.55
N ASN A 200 -19.22 -13.46 -28.69
CA ASN A 200 -19.45 -14.62 -27.82
C ASN A 200 -20.08 -14.30 -26.45
N TYR A 201 -20.39 -13.01 -26.23
CA TYR A 201 -20.93 -12.52 -24.95
C TYR A 201 -22.19 -11.67 -25.15
N PRO A 202 -23.30 -12.31 -25.56
CA PRO A 202 -24.51 -11.55 -25.92
C PRO A 202 -25.29 -10.98 -24.73
N GLY A 203 -24.93 -11.36 -23.51
CA GLY A 203 -25.62 -10.91 -22.31
C GLY A 203 -25.02 -9.66 -21.68
N LEU A 204 -23.95 -9.15 -22.26
CA LEU A 204 -23.20 -8.06 -21.67
C LEU A 204 -24.06 -6.82 -21.48
N VAL A 205 -23.95 -6.24 -20.29
CA VAL A 205 -24.61 -5.01 -19.92
C VAL A 205 -23.63 -3.84 -19.81
N ASP A 206 -22.47 -4.10 -19.21
CA ASP A 206 -21.45 -3.07 -19.00
CA ASP A 206 -21.44 -3.08 -18.98
C ASP A 206 -20.11 -3.63 -19.49
N VAL A 207 -19.50 -2.93 -20.44
CA VAL A 207 -18.19 -3.33 -20.95
C VAL A 207 -17.25 -2.13 -20.95
N ASP A 208 -16.11 -2.29 -20.28
CA ASP A 208 -15.10 -1.25 -20.24
C ASP A 208 -13.84 -1.72 -21.01
N LEU A 209 -13.58 -1.05 -22.14
CA LEU A 209 -12.44 -1.29 -22.98
C LEU A 209 -11.52 -0.08 -23.07
N SER A 210 -11.65 0.83 -22.12
CA SER A 210 -10.86 2.05 -22.13
CA SER A 210 -10.86 2.04 -22.12
C SER A 210 -9.39 1.70 -21.89
N TYR A 211 -8.50 2.59 -22.36
CA TYR A 211 -7.04 2.41 -22.21
C TYR A 211 -6.60 1.07 -22.80
N ASN A 212 -7.02 0.82 -24.05
CA ASN A 212 -6.50 -0.29 -24.83
C ASN A 212 -5.86 0.30 -26.11
N GLN A 213 -5.69 -0.50 -27.13
CA GLN A 213 -5.01 -0.02 -28.35
C GLN A 213 -5.91 -0.19 -29.56
N LEU A 214 -7.20 0.08 -29.35
CA LEU A 214 -8.18 -0.08 -30.43
C LEU A 214 -8.06 1.10 -31.38
N GLU A 215 -7.96 0.80 -32.67
CA GLU A 215 -7.97 1.86 -33.70
C GLU A 215 -9.31 1.92 -34.43
N LYS A 216 -10.01 0.80 -34.47
CA LYS A 216 -11.34 0.69 -35.06
C LYS A 216 -12.29 0.00 -34.11
N ILE A 217 -13.58 0.30 -34.25
CA ILE A 217 -14.64 -0.50 -33.61
C ILE A 217 -15.57 -0.93 -34.73
N THR A 218 -15.65 -2.25 -34.95
CA THR A 218 -16.50 -2.81 -35.98
C THR A 218 -17.90 -3.00 -35.44
N TYR A 219 -18.84 -2.25 -35.96
CA TYR A 219 -20.16 -2.18 -35.36
C TYR A 219 -20.88 -3.55 -35.39
N GLN A 220 -20.57 -4.38 -36.38
CA GLN A 220 -21.17 -5.72 -36.49
C GLN A 220 -20.85 -6.62 -35.30
N HIS A 221 -19.78 -6.32 -34.58
CA HIS A 221 -19.41 -7.12 -33.41
C HIS A 221 -20.44 -7.01 -32.28
N PHE A 222 -21.34 -6.02 -32.39
CA PHE A 222 -22.37 -5.78 -31.39
C PHE A 222 -23.77 -6.28 -31.78
N VAL A 223 -23.89 -6.97 -32.89
CA VAL A 223 -25.20 -7.37 -33.45
C VAL A 223 -26.00 -8.37 -32.58
N LYS A 224 -25.29 -9.12 -31.73
CA LYS A 224 -25.96 -10.10 -30.85
C LYS A 224 -26.27 -9.55 -29.45
N MET A 225 -25.89 -8.30 -29.19
CA MET A 225 -26.07 -7.70 -27.88
C MET A 225 -27.54 -7.49 -27.60
N GLN A 226 -28.04 -8.17 -26.59
CA GLN A 226 -29.45 -8.11 -26.24
C GLN A 226 -29.74 -7.01 -25.21
N ARG A 227 -28.77 -6.68 -24.37
CA ARG A 227 -29.03 -5.79 -23.25
C ARG A 227 -27.90 -4.84 -22.87
N LEU A 228 -26.99 -4.56 -23.80
CA LEU A 228 -25.87 -3.69 -23.51
C LEU A 228 -26.36 -2.28 -23.13
N GLU A 229 -25.88 -1.80 -21.99
CA GLU A 229 -26.26 -0.47 -21.48
C GLU A 229 -25.11 0.53 -21.46
N ARG A 230 -23.89 0.07 -21.20
CA ARG A 230 -22.76 1.00 -21.04
C ARG A 230 -21.54 0.45 -21.76
N LEU A 231 -20.99 1.28 -22.64
CA LEU A 231 -19.81 0.95 -23.44
C LEU A 231 -18.77 2.05 -23.28
N TYR A 232 -17.63 1.69 -22.68
CA TYR A 232 -16.56 2.63 -22.44
C TYR A 232 -15.37 2.27 -23.32
N VAL A 233 -14.96 3.22 -24.16
CA VAL A 233 -13.82 2.98 -25.03
C VAL A 233 -12.96 4.24 -25.08
N SER A 234 -12.81 4.91 -23.94
CA SER A 234 -11.99 6.11 -23.89
C SER A 234 -10.51 5.74 -23.96
N ASN A 235 -9.68 6.71 -24.33
CA ASN A 235 -8.23 6.51 -24.27
C ASN A 235 -7.78 5.30 -25.05
N ASN A 236 -8.33 5.16 -26.25
CA ASN A 236 -7.79 4.22 -27.22
C ASN A 236 -7.12 5.05 -28.34
N ARG A 237 -7.09 4.53 -29.55
CA ARG A 237 -6.49 5.22 -30.69
C ARG A 237 -7.48 5.30 -31.86
N LEU A 238 -8.76 5.47 -31.55
CA LEU A 238 -9.82 5.42 -32.57
C LEU A 238 -9.73 6.66 -33.46
N VAL A 239 -9.84 6.47 -34.77
CA VAL A 239 -9.80 7.61 -35.72
C VAL A 239 -11.12 7.86 -36.39
N ALA A 240 -11.82 6.80 -36.76
CA ALA A 240 -13.05 6.92 -37.49
C ALA A 240 -14.04 5.85 -37.02
N LEU A 241 -15.28 6.25 -36.82
CA LEU A 241 -16.34 5.32 -36.46
C LEU A 241 -17.52 5.54 -37.38
N ASP A 242 -18.12 4.43 -37.79
CA ASP A 242 -19.34 4.43 -38.61
C ASP A 242 -20.31 3.41 -38.02
N PHE A 243 -21.25 3.91 -37.22
CA PHE A 243 -22.30 3.10 -36.58
C PHE A 243 -23.61 3.16 -37.39
N TYR A 244 -23.82 2.15 -38.22
CA TYR A 244 -24.84 2.23 -39.29
C TYR A 244 -26.07 1.37 -39.06
N GLY A 245 -25.94 0.31 -38.27
CA GLY A 245 -26.98 -0.71 -38.17
C GLY A 245 -28.18 -0.29 -37.35
N ARG A 246 -28.93 -1.29 -36.91
CA ARG A 246 -30.01 -1.09 -35.97
C ARG A 246 -29.39 -0.63 -34.65
N PRO A 247 -29.96 0.40 -34.02
CA PRO A 247 -29.42 0.81 -32.72
C PRO A 247 -29.60 -0.28 -31.67
N ILE A 248 -28.76 -0.24 -30.65
CA ILE A 248 -28.95 -1.11 -29.48
C ILE A 248 -29.87 -0.33 -28.54
N PRO A 249 -31.16 -0.73 -28.43
CA PRO A 249 -32.12 0.13 -27.71
C PRO A 249 -31.82 0.31 -26.23
N THR A 250 -31.10 -0.63 -25.64
CA THR A 250 -30.71 -0.57 -24.23
C THR A 250 -29.50 0.32 -23.95
N LEU A 251 -28.77 0.74 -24.99
CA LEU A 251 -27.53 1.49 -24.78
C LEU A 251 -27.76 2.90 -24.30
N LYS A 252 -27.23 3.23 -23.13
CA LYS A 252 -27.44 4.56 -22.59
C LYS A 252 -26.18 5.34 -22.25
N VAL A 253 -25.03 4.67 -22.19
CA VAL A 253 -23.76 5.35 -21.96
C VAL A 253 -22.77 4.93 -23.05
N LEU A 254 -22.18 5.94 -23.69
CA LEU A 254 -21.15 5.72 -24.70
C LEU A 254 -20.02 6.71 -24.50
N ASP A 255 -18.86 6.19 -24.08
CA ASP A 255 -17.70 7.03 -23.80
C ASP A 255 -16.67 6.81 -24.91
N LEU A 256 -16.51 7.83 -25.75
CA LEU A 256 -15.55 7.82 -26.86
C LEU A 256 -14.44 8.86 -26.65
N SER A 257 -14.30 9.34 -25.42
CA SER A 257 -13.39 10.44 -25.17
C SER A 257 -11.94 10.04 -25.22
N HIS A 258 -11.08 11.03 -25.47
CA HIS A 258 -9.64 10.85 -25.49
C HIS A 258 -9.23 9.80 -26.51
N ASN A 259 -9.72 9.96 -27.72
CA ASN A 259 -9.22 9.15 -28.83
C ASN A 259 -8.61 10.12 -29.84
N HIS A 260 -8.62 9.74 -31.12
CA HIS A 260 -8.12 10.61 -32.15
C HIS A 260 -9.20 10.77 -33.22
N LEU A 261 -10.45 10.82 -32.78
CA LEU A 261 -11.56 10.71 -33.71
C LEU A 261 -11.69 11.94 -34.61
N MET A 262 -11.76 11.70 -35.93
CA MET A 262 -12.11 12.76 -36.88
C MET A 262 -13.61 12.78 -37.19
N TRP A 263 -14.30 11.66 -37.03
CA TRP A 263 -15.73 11.63 -37.23
C TRP A 263 -16.36 10.45 -36.50
N VAL A 264 -17.64 10.59 -36.22
CA VAL A 264 -18.48 9.53 -35.69
C VAL A 264 -19.77 9.55 -36.52
N GLU A 265 -19.76 8.77 -37.58
CA GLU A 265 -20.88 8.69 -38.52
C GLU A 265 -21.90 7.71 -37.96
N HIS A 266 -23.18 7.99 -38.21
CA HIS A 266 -24.26 7.12 -37.77
C HIS A 266 -25.56 7.45 -38.51
N ASN A 267 -26.50 6.51 -38.54
CA ASN A 267 -27.81 6.83 -39.11
C ASN A 267 -28.59 7.79 -38.20
N GLN A 268 -29.62 8.42 -38.76
CA GLN A 268 -30.29 9.57 -38.11
C GLN A 268 -30.67 9.31 -36.64
N ALA A 269 -31.23 8.13 -36.38
CA ALA A 269 -31.80 7.80 -35.06
C ALA A 269 -30.88 6.96 -34.16
N GLN A 270 -29.68 6.64 -34.66
CA GLN A 270 -28.74 5.77 -33.94
C GLN A 270 -28.61 6.05 -32.45
N PHE A 271 -28.52 7.33 -32.07
CA PHE A 271 -28.17 7.73 -30.71
C PHE A 271 -29.33 8.32 -29.91
N ASP A 272 -30.55 8.17 -30.40
CA ASP A 272 -31.75 8.75 -29.75
C ASP A 272 -32.00 8.31 -28.30
N LYS A 273 -31.54 7.11 -27.94
CA LYS A 273 -31.74 6.58 -26.58
C LYS A 273 -30.54 6.72 -25.63
N LEU A 274 -29.44 7.29 -26.11
CA LEU A 274 -28.30 7.57 -25.22
C LEU A 274 -28.67 8.63 -24.21
N GLN A 275 -28.21 8.44 -22.98
CA GLN A 275 -28.29 9.48 -21.96
C GLN A 275 -26.97 10.19 -21.72
N TYR A 276 -25.86 9.47 -21.90
CA TYR A 276 -24.54 10.01 -21.65
C TYR A 276 -23.66 9.71 -22.86
N LEU A 277 -23.12 10.76 -23.47
CA LEU A 277 -22.27 10.60 -24.65
C LEU A 277 -21.07 11.50 -24.47
N TYR A 278 -19.88 10.89 -24.42
CA TYR A 278 -18.65 11.64 -24.19
C TYR A 278 -17.78 11.64 -25.43
N LEU A 279 -17.62 12.83 -26.03
CA LEU A 279 -16.82 13.01 -27.25
C LEU A 279 -15.61 13.91 -27.05
N ASP A 280 -15.39 14.36 -25.83
CA ASP A 280 -14.32 15.31 -25.58
C ASP A 280 -12.96 14.70 -25.89
N HIS A 281 -12.01 15.57 -26.21
CA HIS A 281 -10.62 15.21 -26.49
C HIS A 281 -10.50 14.27 -27.71
N ASN A 282 -10.85 14.81 -28.86
CA ASN A 282 -10.72 14.11 -30.14
C ASN A 282 -10.37 15.19 -31.18
N SER A 283 -10.59 14.90 -32.47
CA SER A 283 -10.32 15.85 -33.54
C SER A 283 -11.57 16.00 -34.41
N ILE A 284 -12.74 15.99 -33.76
CA ILE A 284 -14.00 15.95 -34.49
C ILE A 284 -14.31 17.34 -35.07
N VAL A 285 -14.76 17.36 -36.32
CA VAL A 285 -15.05 18.64 -37.01
C VAL A 285 -16.56 18.85 -37.17
N THR A 286 -17.24 17.81 -37.63
CA THR A 286 -18.69 17.82 -37.72
C THR A 286 -19.23 16.57 -37.05
N PHE A 287 -20.43 16.69 -36.51
CA PHE A 287 -21.10 15.59 -35.85
C PHE A 287 -22.58 15.95 -35.78
N LYS A 288 -23.46 14.97 -35.87
CA LYS A 288 -24.89 15.21 -35.89
C LYS A 288 -25.61 14.40 -34.82
N LEU A 289 -26.66 15.00 -34.26
CA LEU A 289 -27.61 14.30 -33.42
C LEU A 289 -29.02 14.73 -33.83
N SER A 290 -30.00 13.88 -33.57
CA SER A 290 -31.40 14.26 -33.75
C SER A 290 -31.86 15.08 -32.55
N THR A 291 -33.15 15.40 -32.47
CA THR A 291 -33.66 16.28 -31.41
C THR A 291 -34.24 15.51 -30.21
N SER A 292 -33.52 14.49 -29.74
CA SER A 292 -34.00 13.63 -28.67
C SER A 292 -33.82 14.28 -27.28
N HIS A 293 -34.84 14.13 -26.43
CA HIS A 293 -34.82 14.70 -25.08
C HIS A 293 -34.19 13.77 -24.03
N THR A 294 -33.67 12.62 -24.46
CA THR A 294 -33.12 11.61 -23.55
C THR A 294 -31.71 11.98 -23.03
N LEU A 295 -31.01 12.85 -23.74
CA LEU A 295 -29.60 13.14 -23.44
C LEU A 295 -29.44 13.99 -22.17
N LYS A 296 -28.69 13.49 -21.20
CA LYS A 296 -28.44 14.17 -19.92
C LYS A 296 -27.06 14.80 -19.82
N ASN A 297 -26.04 14.16 -20.39
CA ASN A 297 -24.70 14.69 -20.37
C ASN A 297 -24.02 14.42 -21.71
N LEU A 298 -23.51 15.48 -22.32
CA LEU A 298 -22.83 15.41 -23.61
C LEU A 298 -21.56 16.21 -23.44
N THR A 299 -20.41 15.61 -23.73
CA THR A 299 -19.16 16.38 -23.67
C THR A 299 -18.57 16.53 -25.07
N LEU A 300 -18.11 17.73 -25.36
CA LEU A 300 -17.70 18.13 -26.71
C LEU A 300 -16.38 18.90 -26.78
N SER A 301 -15.76 19.20 -25.65
CA SER A 301 -14.61 20.10 -25.64
C SER A 301 -13.37 19.42 -26.22
N HIS A 302 -12.38 20.25 -26.55
CA HIS A 302 -11.11 19.78 -27.08
C HIS A 302 -11.31 18.94 -28.35
N ASN A 303 -11.98 19.56 -29.32
CA ASN A 303 -12.15 18.99 -30.64
C ASN A 303 -11.71 20.02 -31.69
N ASP A 304 -12.25 19.94 -32.91
CA ASP A 304 -11.88 20.88 -33.98
C ASP A 304 -13.13 21.32 -34.73
N TRP A 305 -14.10 21.83 -33.99
CA TRP A 305 -15.47 22.01 -34.49
C TRP A 305 -15.62 23.04 -35.60
N ASP A 306 -16.42 22.67 -36.60
CA ASP A 306 -16.99 23.62 -37.54
C ASP A 306 -18.18 24.30 -36.84
N CYS A 307 -18.22 25.63 -36.86
CA CYS A 307 -19.24 26.36 -36.09
C CYS A 307 -20.66 26.01 -36.53
N ASN A 308 -20.89 25.88 -37.83
CA ASN A 308 -22.23 25.55 -38.33
C ASN A 308 -22.72 24.19 -37.81
N SER A 309 -21.83 23.21 -37.76
CA SER A 309 -22.18 21.89 -37.24
C SER A 309 -22.44 21.95 -35.74
N LEU A 310 -21.53 22.60 -35.01
CA LEU A 310 -21.69 22.78 -33.58
C LEU A 310 -22.99 23.51 -33.24
N ARG A 311 -23.25 24.60 -33.95
CA ARG A 311 -24.49 25.37 -33.73
C ARG A 311 -25.74 24.56 -34.07
N ALA A 312 -25.68 23.74 -35.12
CA ALA A 312 -26.76 22.81 -35.44
C ALA A 312 -26.96 21.79 -34.33
N LEU A 313 -25.87 21.41 -33.66
CA LEU A 313 -25.92 20.47 -32.54
C LEU A 313 -26.66 21.07 -31.34
N PHE A 314 -26.41 22.34 -31.02
CA PHE A 314 -27.10 23.00 -29.89
C PHE A 314 -28.58 23.19 -30.17
N ARG A 315 -28.93 23.49 -31.42
CA ARG A 315 -30.34 23.62 -31.81
C ARG A 315 -31.13 22.32 -31.58
N ASN A 316 -30.46 21.16 -31.63
CA ASN A 316 -31.12 19.87 -31.41
C ASN A 316 -31.01 19.32 -29.98
N VAL A 317 -29.95 19.66 -29.28
CA VAL A 317 -29.75 19.21 -27.89
C VAL A 317 -30.29 20.25 -26.90
N ALA A 318 -30.81 19.76 -25.77
CA ALA A 318 -31.31 20.63 -24.70
C ALA A 318 -30.18 21.43 -24.05
N GLN A 319 -30.48 22.67 -23.67
CA GLN A 319 -29.49 23.64 -23.17
C GLN A 319 -28.52 23.13 -22.10
N PRO A 320 -29.03 22.37 -21.12
CA PRO A 320 -28.27 21.89 -19.97
C PRO A 320 -27.45 20.61 -20.19
N ALA A 321 -27.67 19.92 -21.31
CA ALA A 321 -27.00 18.63 -21.58
C ALA A 321 -25.49 18.76 -21.82
N VAL A 322 -25.03 19.88 -22.38
CA VAL A 322 -23.59 20.09 -22.56
C VAL A 322 -22.98 20.48 -21.20
N HIS A 323 -22.10 19.62 -20.67
CA HIS A 323 -21.51 19.84 -19.35
C HIS A 323 -20.03 20.17 -19.40
N ASP A 324 -19.51 20.50 -20.59
CA ASP A 324 -18.13 20.93 -20.66
C ASP A 324 -17.91 22.11 -21.57
N ALA A 325 -16.72 22.67 -21.47
CA ALA A 325 -16.34 23.86 -22.23
C ALA A 325 -14.86 23.90 -22.49
N ASP A 326 -14.50 24.65 -23.51
CA ASP A 326 -13.10 24.98 -23.77
C ASP A 326 -12.81 26.28 -23.03
N GLN A 327 -11.54 26.52 -22.72
CA GLN A 327 -11.13 27.74 -22.02
C GLN A 327 -10.62 28.77 -23.00
N HIS A 328 -9.66 28.36 -23.82
CA HIS A 328 -9.02 29.22 -24.81
C HIS A 328 -9.01 28.48 -26.14
N CYS A 329 -9.05 29.21 -27.24
CA CYS A 329 -9.14 28.59 -28.56
C CYS A 329 -7.89 28.87 -29.33
N LYS A 330 -7.57 27.98 -30.26
CA LYS A 330 -6.43 28.21 -31.11
C LYS A 330 -6.79 29.25 -32.17
N ILE A 331 -5.76 29.74 -32.86
CA ILE A 331 -5.94 30.79 -33.84
C ILE A 331 -7.07 30.45 -34.83
N ASP A 332 -7.91 31.43 -35.12
CA ASP A 332 -9.04 31.36 -36.05
C ASP A 332 -10.27 30.59 -35.53
N TYR A 333 -10.18 30.12 -34.28
CA TYR A 333 -11.33 29.53 -33.58
C TYR A 333 -11.79 30.51 -32.51
N HIS A 334 -13.08 30.46 -32.23
CA HIS A 334 -13.67 31.30 -31.21
C HIS A 334 -14.71 30.51 -30.44
N LEU A 335 -15.02 30.98 -29.25
CA LEU A 335 -15.97 30.28 -28.40
C LEU A 335 -17.40 30.51 -28.87
N GLU A 336 -18.15 29.42 -28.90
CA GLU A 336 -19.55 29.39 -29.24
C GLU A 336 -20.22 28.54 -28.17
N HIS A 337 -21.08 29.15 -27.33
CA HIS A 337 -21.59 28.49 -26.12
C HIS A 337 -20.50 27.75 -25.35
N GLY A 338 -19.36 28.41 -25.18
CA GLY A 338 -18.28 27.87 -24.41
C GLY A 338 -17.38 26.85 -25.10
N LEU A 339 -17.61 26.59 -26.39
CA LEU A 339 -16.84 25.58 -27.13
C LEU A 339 -16.20 26.19 -28.37
N CYS A 340 -14.94 25.84 -28.65
CA CYS A 340 -14.21 26.45 -29.77
C CYS A 340 -14.72 25.95 -31.11
N CYS A 341 -14.85 26.87 -32.06
CA CYS A 341 -15.18 26.47 -33.41
C CYS A 341 -14.69 27.49 -34.41
N LYS A 342 -14.51 27.02 -35.65
CA LYS A 342 -14.04 27.85 -36.75
C LYS A 342 -15.15 28.05 -37.75
N GLU A 343 -15.32 29.28 -38.21
CA GLU A 343 -16.37 29.61 -39.16
C GLU A 343 -15.92 29.19 -40.56
N SER A 344 -16.86 28.81 -41.41
CA SER A 344 -16.55 28.46 -42.80
C SER A 344 -16.48 29.72 -43.65
N SER B 7 6.90 -12.26 14.36
CA SER B 7 6.81 -13.42 13.43
C SER B 7 6.45 -14.73 14.15
N MET B 8 5.27 -15.27 13.88
CA MET B 8 4.86 -16.52 14.51
C MET B 8 4.80 -17.71 13.55
N HIS B 9 5.02 -18.88 14.13
CA HIS B 9 5.01 -20.15 13.43
C HIS B 9 3.68 -20.82 13.79
N LEU B 10 2.87 -21.16 12.80
CA LEU B 10 1.57 -21.76 13.10
C LEU B 10 1.68 -23.28 13.18
N THR B 11 1.54 -23.80 14.40
CA THR B 11 1.65 -25.23 14.70
C THR B 11 0.41 -25.63 15.50
N PRO B 12 0.14 -26.94 15.65
CA PRO B 12 -0.95 -27.34 16.52
C PRO B 12 -0.85 -26.69 17.91
N PHE B 13 0.38 -26.52 18.40
CA PHE B 13 0.63 -25.92 19.72
C PHE B 13 0.25 -24.45 19.78
N THR B 14 0.72 -23.66 18.81
CA THR B 14 0.40 -22.23 18.78
C THR B 14 -1.05 -21.99 18.40
N LEU B 15 -1.63 -22.81 17.53
CA LEU B 15 -3.07 -22.70 17.25
C LEU B 15 -3.91 -23.02 18.49
N SER B 16 -3.57 -24.10 19.20
CA SER B 16 -4.29 -24.46 20.40
C SER B 16 -4.30 -23.31 21.43
N ALA B 17 -3.16 -22.67 21.61
CA ALA B 17 -3.05 -21.56 22.56
C ALA B 17 -3.89 -20.36 22.10
N LEU B 18 -3.82 -20.05 20.81
CA LEU B 18 -4.66 -18.99 20.27
C LEU B 18 -6.13 -19.31 20.47
N LEU B 19 -6.52 -20.53 20.11
CA LEU B 19 -7.92 -20.94 20.23
C LEU B 19 -8.42 -20.85 21.68
N ALA B 20 -7.56 -21.20 22.63
CA ALA B 20 -7.92 -21.13 24.06
C ALA B 20 -8.22 -19.69 24.45
N SER B 21 -7.38 -18.77 23.99
CA SER B 21 -7.55 -17.35 24.30
C SER B 21 -8.82 -16.77 23.63
N PHE B 22 -9.14 -17.26 22.43
CA PHE B 22 -10.40 -16.89 21.75
C PHE B 22 -11.62 -17.45 22.49
N HIS B 23 -11.58 -18.75 22.81
CA HIS B 23 -12.71 -19.42 23.46
C HIS B 23 -13.18 -18.65 24.69
N LYS B 24 -12.23 -18.16 25.48
CA LYS B 24 -12.52 -17.42 26.70
C LYS B 24 -12.84 -15.93 26.48
N VAL B 25 -12.77 -15.48 25.23
CA VAL B 25 -12.93 -14.05 24.87
C VAL B 25 -11.99 -13.11 25.64
N GLU B 26 -10.77 -13.59 25.90
CA GLU B 26 -9.72 -12.78 26.50
C GLU B 26 -8.92 -12.07 25.39
N VAL B 27 -8.83 -12.72 24.25
CA VAL B 27 -8.18 -12.16 23.08
C VAL B 27 -9.25 -12.17 22.00
N LEU B 28 -9.53 -11.00 21.42
CA LEU B 28 -10.52 -10.91 20.36
C LEU B 28 -9.85 -10.44 19.08
N ASN B 29 -9.77 -11.32 18.08
CA ASN B 29 -9.19 -10.97 16.80
C ASN B 29 -10.25 -10.53 15.80
N LEU B 30 -10.33 -9.22 15.57
CA LEU B 30 -11.19 -8.62 14.55
C LEU B 30 -10.33 -7.99 13.42
N ASN B 31 -9.08 -8.45 13.30
CA ASN B 31 -8.21 -8.00 12.21
C ASN B 31 -8.76 -8.37 10.85
N GLY B 32 -8.64 -7.47 9.88
CA GLY B 32 -8.86 -7.82 8.48
C GLY B 32 -10.28 -8.18 8.10
N LEU B 33 -11.27 -7.65 8.83
CA LEU B 33 -12.68 -7.94 8.56
C LEU B 33 -13.42 -6.84 7.80
N GLN B 34 -12.68 -5.90 7.19
CA GLN B 34 -13.26 -4.77 6.48
C GLN B 34 -14.28 -3.98 7.31
N ILE B 35 -13.95 -3.80 8.59
CA ILE B 35 -14.81 -3.05 9.49
C ILE B 35 -14.66 -1.58 9.18
N GLU B 36 -15.78 -0.93 8.95
CA GLU B 36 -15.75 0.50 8.65
C GLU B 36 -16.32 1.39 9.74
N GLU B 37 -17.30 0.86 10.44
CA GLU B 37 -18.05 1.62 11.44
C GLU B 37 -18.15 0.73 12.65
N ILE B 38 -18.09 1.37 13.83
CA ILE B 38 -18.26 0.68 15.11
C ILE B 38 -19.32 1.43 15.93
N ASP B 39 -20.34 0.71 16.39
CA ASP B 39 -21.36 1.30 17.30
C ASP B 39 -20.74 1.58 18.67
N THR B 40 -21.20 2.66 19.34
CA THR B 40 -20.75 2.98 20.71
C THR B 40 -20.80 1.79 21.65
N ASN B 41 -21.83 0.98 21.53
CA ASN B 41 -22.02 -0.14 22.45
C ASN B 41 -21.58 -1.48 21.92
N ALA B 42 -20.79 -1.48 20.85
CA ALA B 42 -20.27 -2.74 20.29
C ALA B 42 -19.61 -3.63 21.34
N PHE B 43 -18.83 -3.04 22.24
CA PHE B 43 -18.12 -3.80 23.27
C PHE B 43 -18.76 -3.65 24.65
N ALA B 44 -20.07 -3.40 24.68
CA ALA B 44 -20.75 -3.14 25.94
C ALA B 44 -20.75 -4.33 26.87
N TYR B 45 -20.74 -5.55 26.32
CA TYR B 45 -20.82 -6.78 27.12
C TYR B 45 -19.58 -7.65 26.91
N ALA B 46 -18.43 -7.00 26.72
CA ALA B 46 -17.19 -7.73 26.46
C ALA B 46 -16.14 -7.41 27.52
N HIS B 47 -16.59 -7.41 28.78
CA HIS B 47 -15.76 -7.12 29.95
C HIS B 47 -14.55 -8.06 30.08
N THR B 48 -14.60 -9.23 29.46
CA THR B 48 -13.49 -10.19 29.54
C THR B 48 -12.23 -9.81 28.73
N ILE B 49 -12.37 -8.90 27.78
CA ILE B 49 -11.31 -8.62 26.80
C ILE B 49 -10.04 -8.01 27.40
N GLN B 50 -8.91 -8.70 27.18
CA GLN B 50 -7.59 -8.19 27.55
C GLN B 50 -6.79 -7.74 26.34
N LYS B 51 -6.93 -8.45 25.23
CA LYS B 51 -6.24 -8.06 24.00
C LYS B 51 -7.25 -7.91 22.89
N LEU B 52 -7.24 -6.75 22.24
CA LEU B 52 -8.20 -6.46 21.19
C LEU B 52 -7.44 -6.08 19.94
N TYR B 53 -7.64 -6.87 18.89
CA TYR B 53 -6.96 -6.67 17.62
C TYR B 53 -7.98 -6.23 16.57
N MET B 54 -7.77 -5.03 16.03
CA MET B 54 -8.64 -4.47 14.99
CA MET B 54 -8.64 -4.49 14.99
C MET B 54 -7.78 -3.89 13.85
N ARG B 55 -6.68 -4.55 13.55
CA ARG B 55 -5.73 -4.10 12.54
C ARG B 55 -6.27 -4.37 11.15
N PHE B 56 -5.82 -3.57 10.19
CA PHE B 56 -6.08 -3.83 8.77
C PHE B 56 -7.59 -3.85 8.52
N ASN B 57 -8.29 -2.87 9.08
CA ASN B 57 -9.68 -2.63 8.71
C ASN B 57 -9.77 -1.31 7.94
N VAL B 58 -10.98 -0.74 7.82
CA VAL B 58 -11.17 0.56 7.19
C VAL B 58 -11.94 1.50 8.13
N ILE B 59 -11.54 1.48 9.39
CA ILE B 59 -12.23 2.22 10.41
C ILE B 59 -11.93 3.72 10.29
N ARG B 60 -12.99 4.51 10.15
CA ARG B 60 -12.85 5.95 9.98
C ARG B 60 -12.92 6.71 11.28
N TYR B 61 -13.75 6.24 12.21
CA TYR B 61 -13.94 6.89 13.48
C TYR B 61 -14.14 5.84 14.56
N LEU B 62 -13.66 6.15 15.75
CA LEU B 62 -14.05 5.45 16.97
C LEU B 62 -15.09 6.26 17.72
N PRO B 63 -16.23 5.63 18.08
CA PRO B 63 -17.32 6.38 18.68
C PRO B 63 -17.09 6.70 20.15
N PRO B 64 -17.83 7.69 20.70
CA PRO B 64 -17.69 7.98 22.09
C PRO B 64 -17.90 6.75 22.96
N HIS B 65 -17.14 6.66 24.03
CA HIS B 65 -17.27 5.59 25.01
C HIS B 65 -16.98 4.19 24.45
N VAL B 66 -16.31 4.09 23.32
CA VAL B 66 -16.13 2.78 22.69
C VAL B 66 -15.46 1.75 23.63
N PHE B 67 -14.51 2.22 24.44
CA PHE B 67 -13.77 1.35 25.36
C PHE B 67 -14.17 1.56 26.80
N GLN B 68 -15.40 1.98 27.03
CA GLN B 68 -15.87 2.21 28.39
C GLN B 68 -16.05 0.90 29.17
N ASN B 69 -16.37 -0.20 28.49
CA ASN B 69 -16.64 -1.46 29.20
C ASN B 69 -15.59 -2.54 28.96
N VAL B 70 -14.33 -2.13 28.75
CA VAL B 70 -13.22 -3.09 28.61
C VAL B 70 -12.07 -2.75 29.57
N PRO B 71 -12.36 -2.78 30.88
CA PRO B 71 -11.40 -2.34 31.89
C PRO B 71 -10.13 -3.21 32.03
N LEU B 72 -10.15 -4.42 31.49
CA LEU B 72 -9.01 -5.32 31.59
C LEU B 72 -8.08 -5.21 30.40
N LEU B 73 -8.38 -4.27 29.50
CA LEU B 73 -7.61 -4.13 28.26
C LEU B 73 -6.14 -3.80 28.53
N THR B 74 -5.25 -4.63 28.00
CA THR B 74 -3.81 -4.40 28.10
C THR B 74 -3.15 -4.18 26.74
N VAL B 75 -3.70 -4.75 25.67
CA VAL B 75 -3.13 -4.60 24.36
C VAL B 75 -4.23 -4.22 23.38
N LEU B 76 -3.97 -3.16 22.62
CA LEU B 76 -4.95 -2.68 21.63
C LEU B 76 -4.21 -2.38 20.36
N MET B 77 -4.57 -3.05 19.28
CA MET B 77 -3.90 -2.90 18.00
CA MET B 77 -3.90 -2.84 18.01
C MET B 77 -4.90 -2.36 16.98
N LEU B 78 -4.68 -1.15 16.49
CA LEU B 78 -5.58 -0.51 15.54
C LEU B 78 -4.82 0.01 14.34
N ASP B 79 -3.63 -0.52 14.08
CA ASP B 79 -2.87 -0.07 12.94
C ASP B 79 -3.53 -0.46 11.61
N ARG B 80 -3.24 0.33 10.59
CA ARG B 80 -3.78 0.19 9.24
C ARG B 80 -5.30 0.37 9.28
N ASN B 81 -5.70 1.59 9.58
CA ASN B 81 -7.09 2.01 9.49
C ASN B 81 -7.09 3.42 8.92
N ASP B 82 -8.22 4.11 9.05
CA ASP B 82 -8.38 5.46 8.50
C ASP B 82 -8.73 6.50 9.55
N LEU B 83 -8.18 6.34 10.75
CA LEU B 83 -8.50 7.26 11.84
C LEU B 83 -7.78 8.56 11.63
N SER B 84 -8.48 9.66 11.92
CA SER B 84 -7.84 10.99 11.90
C SER B 84 -7.93 11.76 13.22
N SER B 85 -8.76 11.29 14.16
CA SER B 85 -8.77 11.83 15.53
C SER B 85 -9.37 10.77 16.47
N LEU B 86 -9.41 11.07 17.78
CA LEU B 86 -9.85 10.11 18.80
C LEU B 86 -10.97 10.69 19.64
N PRO B 87 -11.93 9.86 20.08
CA PRO B 87 -13.03 10.41 20.88
C PRO B 87 -12.58 10.88 22.27
N PRO B 88 -13.38 11.77 22.91
CA PRO B 88 -13.09 12.28 24.25
C PRO B 88 -12.88 11.18 25.24
N GLY B 89 -11.80 11.22 26.03
CA GLY B 89 -11.58 10.24 27.07
C GLY B 89 -11.43 8.80 26.58
N ILE B 90 -10.91 8.62 25.37
CA ILE B 90 -10.85 7.31 24.80
C ILE B 90 -10.30 6.23 25.73
N PHE B 91 -9.24 6.54 26.48
N PHE B 91 -9.21 6.56 26.44
CA PHE B 91 -8.61 5.53 27.35
CA PHE B 91 -8.48 5.63 27.30
C PHE B 91 -8.88 5.78 28.84
C PHE B 91 -8.62 6.00 28.78
N HIS B 92 -9.86 6.62 29.14
N HIS B 92 -9.68 6.70 29.13
CA HIS B 92 -10.19 6.95 30.55
CA HIS B 92 -9.87 7.13 30.53
C HIS B 92 -10.39 5.68 31.37
C HIS B 92 -10.26 5.95 31.43
N ASN B 93 -11.10 4.71 30.79
N ASN B 93 -10.80 4.89 30.84
CA ASN B 93 -11.40 3.50 31.55
CA ASN B 93 -11.23 3.72 31.60
C ASN B 93 -10.53 2.31 31.16
C ASN B 93 -10.51 2.41 31.21
N THR B 94 -9.35 2.55 30.59
CA THR B 94 -8.44 1.43 30.30
C THR B 94 -7.06 1.63 30.94
N PRO B 95 -7.01 1.66 32.27
CA PRO B 95 -5.75 1.92 32.96
C PRO B 95 -4.70 0.82 32.89
N LYS B 96 -5.07 -0.38 32.44
CA LYS B 96 -4.13 -1.49 32.35
C LYS B 96 -3.37 -1.56 31.02
N LEU B 97 -3.64 -0.60 30.13
CA LEU B 97 -3.08 -0.62 28.79
C LEU B 97 -1.55 -0.53 28.83
N THR B 98 -0.90 -1.54 28.25
CA THR B 98 0.58 -1.63 28.20
C THR B 98 1.14 -1.44 26.80
N MET B 99 0.35 -1.78 25.78
CA MET B 99 0.79 -1.61 24.41
CA MET B 99 0.78 -1.66 24.41
C MET B 99 -0.38 -1.14 23.57
N MET B 100 -0.12 -0.14 22.76
CA MET B 100 -1.16 0.44 21.92
C MET B 100 -0.51 0.79 20.58
N SER B 101 -1.06 0.26 19.48
CA SER B 101 -0.60 0.67 18.16
C SER B 101 -1.75 1.30 17.36
N MET B 102 -1.46 2.46 16.80
CA MET B 102 -2.30 3.09 15.78
C MET B 102 -1.41 3.55 14.61
N SER B 103 -0.40 2.77 14.27
CA SER B 103 0.44 3.11 13.12
CA SER B 103 0.45 3.10 13.11
C SER B 103 -0.39 3.05 11.85
N ASN B 104 0.06 3.73 10.79
CA ASN B 104 -0.63 3.64 9.51
C ASN B 104 -2.10 4.03 9.61
N ASN B 105 -2.34 5.16 10.27
CA ASN B 105 -3.64 5.83 10.23
C ASN B 105 -3.42 7.23 9.66
N ASN B 106 -4.35 8.15 9.87
CA ASN B 106 -4.20 9.52 9.41
C ASN B 106 -4.23 10.52 10.54
N LEU B 107 -3.72 10.13 11.71
CA LEU B 107 -3.84 10.97 12.88
C LEU B 107 -3.05 12.27 12.72
N GLU B 108 -3.64 13.37 13.17
CA GLU B 108 -3.05 14.70 13.06
C GLU B 108 -2.47 15.22 14.37
N ARG B 109 -3.18 14.99 15.48
CA ARG B 109 -2.68 15.39 16.80
C ARG B 109 -3.05 14.32 17.80
N ILE B 110 -2.17 14.12 18.78
CA ILE B 110 -2.53 13.41 19.99
C ILE B 110 -2.64 14.48 21.07
N GLU B 111 -3.85 14.75 21.52
CA GLU B 111 -4.03 15.77 22.56
C GLU B 111 -3.44 15.28 23.88
N ASP B 112 -3.02 16.23 24.70
CA ASP B 112 -2.19 15.91 25.88
C ASP B 112 -2.87 15.07 26.96
N ASP B 113 -4.20 15.10 27.03
CA ASP B 113 -4.89 14.27 28.01
C ASP B 113 -5.03 12.79 27.60
N THR B 114 -4.62 12.45 26.37
CA THR B 114 -4.94 11.13 25.82
C THR B 114 -4.43 9.96 26.67
N PHE B 115 -3.19 10.02 27.15
CA PHE B 115 -2.57 8.90 27.84
C PHE B 115 -2.38 9.16 29.34
N GLN B 116 -3.18 10.08 29.88
CA GLN B 116 -3.07 10.49 31.28
C GLN B 116 -3.46 9.37 32.24
N ALA B 117 -4.47 8.59 31.87
CA ALA B 117 -4.92 7.46 32.68
C ALA B 117 -4.15 6.16 32.44
N THR B 118 -3.39 6.09 31.33
CA THR B 118 -2.67 4.88 30.97
C THR B 118 -1.25 4.94 31.52
N THR B 119 -1.17 4.82 32.85
CA THR B 119 0.09 4.97 33.56
C THR B 119 1.00 3.75 33.50
N ALA B 120 0.58 2.68 32.82
CA ALA B 120 1.48 1.54 32.52
C ALA B 120 1.78 1.34 31.05
N LEU B 121 1.49 2.33 30.22
CA LEU B 121 1.72 2.19 28.79
C LEU B 121 3.20 2.17 28.53
N GLN B 122 3.70 1.06 28.00
CA GLN B 122 5.14 0.91 27.79
C GLN B 122 5.56 0.83 26.33
N ASN B 123 4.66 0.38 25.45
CA ASN B 123 4.99 0.27 24.03
C ASN B 123 3.91 1.05 23.26
N LEU B 124 4.33 2.11 22.58
CA LEU B 124 3.41 2.98 21.84
C LEU B 124 3.87 3.10 20.39
N GLN B 125 3.00 2.73 19.45
CA GLN B 125 3.35 2.70 18.05
C GLN B 125 2.42 3.63 17.31
N LEU B 126 2.99 4.69 16.73
CA LEU B 126 2.24 5.74 16.07
C LEU B 126 2.87 6.15 14.75
N SER B 127 3.68 5.27 14.17
CA SER B 127 4.39 5.58 12.95
CA SER B 127 4.39 5.53 12.94
C SER B 127 3.43 5.71 11.78
N SER B 128 3.81 6.51 10.79
CA SER B 128 3.07 6.62 9.54
C SER B 128 1.66 7.15 9.76
N ASN B 129 1.61 8.29 10.44
CA ASN B 129 0.41 9.12 10.54
C ASN B 129 0.70 10.50 9.93
N ARG B 130 -0.02 11.54 10.36
CA ARG B 130 0.25 12.91 9.93
C ARG B 130 0.43 13.79 11.15
N LEU B 131 1.08 13.25 12.18
CA LEU B 131 1.09 13.90 13.48
C LEU B 131 1.93 15.16 13.47
N THR B 132 1.32 16.27 13.89
CA THR B 132 2.08 17.51 14.09
C THR B 132 2.33 17.79 15.57
N HIS B 133 1.64 17.07 16.45
CA HIS B 133 1.79 17.23 17.90
C HIS B 133 1.56 15.90 18.62
N VAL B 134 2.56 15.49 19.40
CA VAL B 134 2.36 14.49 20.42
C VAL B 134 3.42 14.67 21.52
N ASP B 135 2.97 14.88 22.74
CA ASP B 135 3.89 15.15 23.85
C ASP B 135 4.17 13.85 24.61
N LEU B 136 5.18 13.14 24.12
CA LEU B 136 5.55 11.84 24.68
C LEU B 136 6.11 11.98 26.11
N ALA B 137 6.60 13.16 26.45
CA ALA B 137 7.20 13.39 27.78
C ALA B 137 6.16 13.31 28.88
N LEU B 138 4.88 13.40 28.52
CA LEU B 138 3.79 13.25 29.47
C LEU B 138 3.44 11.79 29.77
N ILE B 139 4.18 10.87 29.16
CA ILE B 139 3.94 9.44 29.34
C ILE B 139 5.21 8.78 29.91
N PRO B 140 5.49 9.04 31.19
CA PRO B 140 6.77 8.56 31.76
C PRO B 140 6.92 7.05 31.87
N SER B 141 5.85 6.28 31.66
CA SER B 141 5.96 4.82 31.62
C SER B 141 6.54 4.25 30.31
N LEU B 142 6.71 5.08 29.28
CA LEU B 142 7.12 4.59 27.95
C LEU B 142 8.50 3.93 27.98
N PHE B 143 8.60 2.78 27.33
CA PHE B 143 9.84 2.01 27.18
C PHE B 143 10.31 1.94 25.73
N HIS B 144 9.38 1.63 24.81
CA HIS B 144 9.66 1.56 23.39
C HIS B 144 8.62 2.42 22.66
N VAL B 145 9.08 3.29 21.76
CA VAL B 145 8.18 4.23 21.08
C VAL B 145 8.61 4.43 19.66
N ASN B 146 7.63 4.48 18.75
CA ASN B 146 7.92 4.72 17.37
C ASN B 146 6.92 5.76 16.86
N VAL B 147 7.42 6.94 16.49
CA VAL B 147 6.62 8.01 15.92
C VAL B 147 7.21 8.43 14.57
N SER B 148 7.91 7.51 13.92
CA SER B 148 8.55 7.78 12.65
C SER B 148 7.48 8.05 11.58
N TYR B 149 7.88 8.77 10.54
CA TYR B 149 6.99 9.06 9.40
C TYR B 149 5.75 9.84 9.86
N ASN B 150 5.99 11.00 10.45
CA ASN B 150 4.96 11.95 10.82
C ASN B 150 5.43 13.35 10.42
N LEU B 151 4.84 14.39 11.02
CA LEU B 151 5.10 15.77 10.63
C LEU B 151 5.49 16.58 11.86
N LEU B 152 6.25 15.95 12.74
CA LEU B 152 6.64 16.53 14.02
C LEU B 152 7.83 17.46 13.82
N SER B 153 7.78 18.60 14.51
CA SER B 153 8.88 19.57 14.53
C SER B 153 9.55 19.65 15.88
N THR B 154 8.86 19.22 16.94
CA THR B 154 9.41 19.23 18.28
C THR B 154 9.28 17.82 18.85
N LEU B 155 10.40 17.28 19.33
CA LEU B 155 10.40 15.98 19.97
C LEU B 155 10.64 16.14 21.47
N ALA B 156 9.61 15.87 22.26
CA ALA B 156 9.71 15.85 23.71
C ALA B 156 9.90 14.40 24.13
N ILE B 157 11.00 14.10 24.81
CA ILE B 157 11.38 12.71 25.12
C ILE B 157 11.12 12.42 26.60
N PRO B 158 10.39 11.33 26.90
CA PRO B 158 10.11 11.08 28.33
C PRO B 158 11.33 10.56 29.08
N ILE B 159 11.18 10.46 30.39
CA ILE B 159 12.30 10.26 31.31
C ILE B 159 13.04 8.91 31.19
N ALA B 160 12.33 7.85 30.76
CA ALA B 160 12.91 6.50 30.82
C ALA B 160 12.68 5.64 29.59
N VAL B 161 12.30 6.25 28.47
CA VAL B 161 12.22 5.51 27.23
C VAL B 161 13.60 4.99 26.83
N GLU B 162 13.62 3.74 26.40
CA GLU B 162 14.84 2.99 26.10
C GLU B 162 15.13 2.95 24.60
N GLU B 163 14.07 2.86 23.77
CA GLU B 163 14.26 2.91 22.35
C GLU B 163 13.21 3.85 21.78
N LEU B 164 13.66 4.80 20.95
CA LEU B 164 12.77 5.81 20.35
C LEU B 164 13.14 6.03 18.89
N ASP B 165 12.18 5.81 18.00
CA ASP B 165 12.37 6.07 16.60
C ASP B 165 11.45 7.23 16.23
N ALA B 166 12.06 8.36 15.85
CA ALA B 166 11.34 9.53 15.38
C ALA B 166 11.91 9.97 14.03
N SER B 167 12.43 9.01 13.29
CA SER B 167 12.98 9.27 11.97
C SER B 167 11.87 9.69 11.01
N HIS B 168 12.26 10.38 9.94
CA HIS B 168 11.33 10.82 8.92
C HIS B 168 10.23 11.74 9.48
N ASN B 169 10.66 12.80 10.18
CA ASN B 169 9.80 13.87 10.62
C ASN B 169 10.40 15.18 10.11
N THR B 170 10.09 16.32 10.75
CA THR B 170 10.77 17.58 10.44
C THR B 170 11.27 18.19 11.75
N ILE B 171 11.89 17.35 12.56
CA ILE B 171 12.24 17.73 13.93
C ILE B 171 13.45 18.65 13.92
N ASN B 172 13.32 19.79 14.58
CA ASN B 172 14.45 20.69 14.79
C ASN B 172 14.72 21.03 16.25
N VAL B 173 13.86 20.56 17.15
CA VAL B 173 14.01 20.78 18.58
C VAL B 173 13.80 19.48 19.34
N VAL B 174 14.77 19.12 20.16
CA VAL B 174 14.63 17.99 21.07
C VAL B 174 14.64 18.52 22.50
N ARG B 175 13.63 18.13 23.29
CA ARG B 175 13.53 18.56 24.67
C ARG B 175 13.06 17.43 25.59
N GLY B 176 13.21 17.65 26.88
CA GLY B 176 12.76 16.71 27.88
C GLY B 176 13.83 16.51 28.93
N PRO B 177 13.47 15.81 30.01
CA PRO B 177 14.37 15.61 31.15
C PRO B 177 15.54 14.70 30.82
N VAL B 178 16.58 14.76 31.65
CA VAL B 178 17.69 13.83 31.51
C VAL B 178 17.18 12.39 31.51
N ASN B 179 17.70 11.60 30.58
CA ASN B 179 17.29 10.21 30.37
C ASN B 179 18.50 9.28 30.16
N VAL B 180 18.83 8.63 31.28
CA VAL B 180 19.97 7.75 31.39
C VAL B 180 19.71 6.37 30.77
N GLU B 181 18.44 6.09 30.46
CA GLU B 181 17.99 4.81 29.91
C GLU B 181 17.88 4.77 28.36
N LEU B 182 17.70 5.92 27.74
CA LEU B 182 17.61 5.98 26.28
C LEU B 182 18.95 5.48 25.72
N THR B 183 18.78 4.43 24.89
CA THR B 183 19.81 3.53 24.39
C THR B 183 19.89 3.48 22.86
N ILE B 184 18.74 3.41 22.19
CA ILE B 184 18.69 3.46 20.73
C ILE B 184 17.80 4.65 20.35
N LEU B 185 18.38 5.60 19.61
CA LEU B 185 17.69 6.80 19.18
C LEU B 185 17.86 6.96 17.67
N LYS B 186 16.75 6.90 16.94
CA LYS B 186 16.76 7.01 15.51
C LYS B 186 16.08 8.33 15.12
N LEU B 187 16.88 9.24 14.58
CA LEU B 187 16.44 10.58 14.22
C LEU B 187 16.83 10.94 12.78
N GLN B 188 17.14 9.93 11.98
CA GLN B 188 17.53 10.17 10.61
C GLN B 188 16.35 10.78 9.83
N HIS B 189 16.67 11.63 8.86
CA HIS B 189 15.68 12.32 8.03
C HIS B 189 14.85 13.26 8.87
N ASN B 190 15.52 14.29 9.39
CA ASN B 190 14.89 15.33 10.18
C ASN B 190 15.55 16.68 9.84
N ASN B 191 15.29 17.70 10.63
CA ASN B 191 15.81 19.04 10.35
C ASN B 191 16.68 19.54 11.50
N LEU B 192 17.45 18.65 12.10
CA LEU B 192 18.33 19.01 13.23
C LEU B 192 19.55 19.78 12.75
N THR B 193 19.83 20.90 13.42
CA THR B 193 21.03 21.71 13.16
C THR B 193 21.95 21.78 14.38
N ASP B 194 21.48 21.34 15.55
CA ASP B 194 22.33 21.26 16.74
C ASP B 194 22.23 19.91 17.41
N THR B 195 23.20 19.62 18.27
CA THR B 195 23.30 18.37 18.99
C THR B 195 23.54 18.56 20.50
N ALA B 196 23.28 19.75 21.04
CA ALA B 196 23.51 20.03 22.46
C ALA B 196 22.67 19.13 23.37
N TRP B 197 21.44 18.86 22.95
CA TRP B 197 20.55 17.92 23.64
C TRP B 197 21.15 16.53 23.91
N LEU B 198 22.16 16.13 23.14
CA LEU B 198 22.84 14.86 23.38
C LEU B 198 23.40 14.72 24.79
N LEU B 199 23.75 15.84 25.44
CA LEU B 199 24.25 15.81 26.82
C LEU B 199 23.21 15.28 27.82
N ASN B 200 21.93 15.27 27.46
CA ASN B 200 20.89 14.75 28.34
C ASN B 200 20.66 13.23 28.26
N TYR B 201 21.42 12.54 27.40
CA TYR B 201 21.19 11.13 27.12
C TYR B 201 22.50 10.34 27.23
N PRO B 202 23.02 10.19 28.47
CA PRO B 202 24.33 9.59 28.69
C PRO B 202 24.40 8.08 28.47
N GLY B 203 23.25 7.42 28.46
CA GLY B 203 23.18 5.98 28.22
C GLY B 203 23.13 5.52 26.77
N LEU B 204 23.27 6.45 25.82
CA LEU B 204 23.07 6.11 24.41
C LEU B 204 24.09 5.10 23.89
N VAL B 205 23.62 4.10 23.16
CA VAL B 205 24.47 3.09 22.51
C VAL B 205 24.52 3.29 20.99
N ASP B 206 23.34 3.56 20.41
CA ASP B 206 23.15 3.71 18.97
C ASP B 206 22.37 5.00 18.73
N VAL B 207 22.95 5.90 17.95
CA VAL B 207 22.28 7.15 17.58
C VAL B 207 22.46 7.41 16.08
N ASP B 208 21.33 7.62 15.39
CA ASP B 208 21.36 7.91 13.97
C ASP B 208 20.83 9.30 13.75
N LEU B 209 21.73 10.19 13.29
CA LEU B 209 21.42 11.57 13.00
C LEU B 209 21.65 11.87 11.51
N SER B 210 21.68 10.83 10.69
CA SER B 210 21.85 10.97 9.25
C SER B 210 20.69 11.73 8.61
N TYR B 211 20.98 12.33 7.45
CA TYR B 211 19.99 13.15 6.74
C TYR B 211 19.35 14.22 7.63
N ASN B 212 20.19 15.00 8.30
CA ASN B 212 19.75 16.18 9.01
C ASN B 212 20.49 17.39 8.45
N GLN B 213 20.51 18.51 9.17
CA GLN B 213 21.11 19.74 8.66
C GLN B 213 22.29 20.14 9.53
N LEU B 214 23.09 19.17 9.95
CA LEU B 214 24.26 19.44 10.79
C LEU B 214 25.42 19.93 9.93
N GLU B 215 26.01 21.05 10.37
CA GLU B 215 27.18 21.62 9.70
C GLU B 215 28.44 21.44 10.54
N LYS B 216 28.27 21.31 11.86
CA LYS B 216 29.36 20.94 12.74
C LYS B 216 28.88 19.93 13.77
N ILE B 217 29.83 19.16 14.30
CA ILE B 217 29.59 18.25 15.41
C ILE B 217 30.70 18.46 16.44
N THR B 218 30.37 19.18 17.51
CA THR B 218 31.35 19.49 18.55
C THR B 218 31.49 18.33 19.52
N TYR B 219 32.73 17.89 19.72
CA TYR B 219 33.05 16.73 20.55
C TYR B 219 32.65 16.84 22.01
N GLN B 220 32.44 18.05 22.52
CA GLN B 220 32.05 18.20 23.93
C GLN B 220 30.60 17.85 24.20
N HIS B 221 29.80 17.62 23.15
CA HIS B 221 28.44 17.14 23.36
C HIS B 221 28.39 15.65 23.67
N PHE B 222 29.53 14.98 23.50
CA PHE B 222 29.65 13.53 23.71
C PHE B 222 30.40 13.14 24.98
N VAL B 223 30.72 14.11 25.84
CA VAL B 223 31.63 13.82 26.99
C VAL B 223 30.94 13.09 28.13
N LYS B 224 29.62 13.10 28.18
CA LYS B 224 28.88 12.32 29.16
C LYS B 224 28.48 10.91 28.68
N MET B 225 28.95 10.49 27.51
CA MET B 225 28.54 9.20 26.92
C MET B 225 29.26 8.05 27.60
N GLN B 226 28.49 7.14 28.20
CA GLN B 226 29.05 6.00 28.93
C GLN B 226 29.16 4.77 28.03
N ARG B 227 28.30 4.67 27.01
CA ARG B 227 28.11 3.42 26.26
C ARG B 227 28.14 3.53 24.73
N LEU B 228 28.40 4.71 24.17
CA LEU B 228 28.13 4.93 22.73
C LEU B 228 28.97 4.05 21.80
N GLU B 229 28.30 3.25 20.98
CA GLU B 229 28.94 2.29 20.10
C GLU B 229 28.82 2.61 18.62
N ARG B 230 27.65 3.11 18.21
CA ARG B 230 27.34 3.34 16.83
C ARG B 230 26.84 4.77 16.65
N LEU B 231 27.50 5.50 15.76
CA LEU B 231 27.13 6.89 15.48
C LEU B 231 27.02 7.06 13.98
N TYR B 232 25.81 7.37 13.52
CA TYR B 232 25.55 7.59 12.11
C TYR B 232 25.24 9.05 11.92
N VAL B 233 26.05 9.71 11.08
CA VAL B 233 25.83 11.13 10.75
CA VAL B 233 25.82 11.12 10.76
C VAL B 233 26.05 11.35 9.27
N SER B 234 25.70 10.36 8.45
CA SER B 234 25.82 10.48 7.00
C SER B 234 24.82 11.49 6.48
N ASN B 235 25.10 12.02 5.29
CA ASN B 235 24.19 12.94 4.60
C ASN B 235 23.80 14.17 5.42
N ASN B 236 24.80 14.77 6.06
CA ASN B 236 24.65 16.09 6.62
C ASN B 236 25.58 17.03 5.82
N ARG B 237 26.05 18.12 6.41
CA ARG B 237 26.91 19.06 5.70
C ARG B 237 28.14 19.36 6.54
N LEU B 238 28.68 18.32 7.16
CA LEU B 238 29.85 18.46 8.04
C LEU B 238 31.07 18.82 7.20
N VAL B 239 31.90 19.74 7.72
CA VAL B 239 33.04 20.26 6.98
C VAL B 239 34.38 19.81 7.59
N ALA B 240 34.43 19.69 8.91
CA ALA B 240 35.61 19.19 9.58
C ALA B 240 35.24 18.50 10.87
N LEU B 241 36.06 17.54 11.29
CA LEU B 241 35.90 16.88 12.59
C LEU B 241 37.27 16.77 13.24
N ASP B 242 37.38 17.25 14.47
CA ASP B 242 38.64 17.21 15.22
C ASP B 242 38.35 16.60 16.58
N PHE B 243 38.52 15.28 16.68
CA PHE B 243 38.26 14.57 17.92
C PHE B 243 39.49 14.59 18.83
N THR B 250 34.32 3.52 23.51
CA THR B 250 33.68 2.23 23.20
C THR B 250 33.05 2.21 21.79
N LEU B 251 33.52 3.08 20.91
CA LEU B 251 32.93 3.27 19.58
C LEU B 251 33.29 2.17 18.58
N LYS B 252 32.27 1.54 17.98
CA LYS B 252 32.46 0.47 17.02
C LYS B 252 32.06 0.82 15.59
N VAL B 253 31.04 1.66 15.41
CA VAL B 253 30.58 2.07 14.08
C VAL B 253 30.56 3.59 14.00
N LEU B 254 31.11 4.14 12.92
CA LEU B 254 31.08 5.56 12.67
C LEU B 254 30.85 5.81 11.20
N ASP B 255 29.66 6.33 10.87
CA ASP B 255 29.31 6.64 9.50
C ASP B 255 29.38 8.16 9.27
N LEU B 256 30.40 8.59 8.52
CA LEU B 256 30.57 10.00 8.17
C LEU B 256 30.35 10.23 6.68
N SER B 257 29.80 9.23 5.97
CA SER B 257 29.69 9.29 4.53
C SER B 257 28.76 10.42 4.07
N HIS B 258 28.96 10.86 2.83
CA HIS B 258 28.11 11.88 2.23
C HIS B 258 28.01 13.14 3.07
N ASN B 259 29.15 13.71 3.43
CA ASN B 259 29.15 15.03 4.02
C ASN B 259 29.97 15.94 3.10
N HIS B 260 30.53 17.03 3.65
CA HIS B 260 31.43 17.93 2.92
C HIS B 260 32.77 17.96 3.63
N LEU B 261 33.22 16.82 4.15
CA LEU B 261 34.38 16.79 5.06
C LEU B 261 35.69 17.04 4.32
N MET B 262 36.42 18.02 4.80
CA MET B 262 37.72 18.36 4.24
C MET B 262 38.81 17.62 5.01
N TRP B 263 38.59 17.41 6.31
CA TRP B 263 39.48 16.60 7.12
C TRP B 263 38.81 16.03 8.37
N VAL B 264 39.37 14.93 8.86
CA VAL B 264 38.93 14.25 10.08
C VAL B 264 40.16 13.87 10.90
N GLU B 265 40.35 14.53 12.04
CA GLU B 265 41.49 14.24 12.92
C GLU B 265 41.01 13.51 14.18
N HIS B 266 41.80 12.57 14.67
CA HIS B 266 41.45 11.81 15.87
C HIS B 266 42.73 11.50 16.65
N ASN B 267 42.76 11.95 17.91
CA ASN B 267 43.99 11.98 18.71
C ASN B 267 43.88 11.11 19.97
N GLN B 268 44.14 9.80 19.87
CA GLN B 268 44.52 9.11 18.63
C GLN B 268 43.99 7.67 18.56
N ALA B 269 44.17 6.91 19.65
CA ALA B 269 43.74 5.51 19.72
C ALA B 269 42.22 5.34 19.80
N GLN B 270 41.48 6.42 20.07
CA GLN B 270 40.02 6.37 20.15
C GLN B 270 39.29 5.83 18.90
N PHE B 271 40.03 5.53 17.83
CA PHE B 271 39.49 4.84 16.65
C PHE B 271 39.91 3.37 16.59
N ASP B 272 40.54 2.84 17.64
CA ASP B 272 41.10 1.48 17.61
C ASP B 272 40.03 0.39 17.72
N LYS B 273 38.96 0.66 18.47
CA LYS B 273 37.86 -0.30 18.61
C LYS B 273 36.89 -0.29 17.42
N LEU B 274 37.08 0.63 16.48
CA LEU B 274 36.22 0.72 15.29
C LEU B 274 36.27 -0.53 14.43
N GLN B 275 35.08 -1.04 14.10
CA GLN B 275 34.93 -2.14 13.15
C GLN B 275 34.34 -1.68 11.83
N TYR B 276 33.65 -0.54 11.83
CA TYR B 276 32.98 -0.03 10.64
C TYR B 276 33.18 1.48 10.58
N LEU B 277 33.85 1.95 9.54
CA LEU B 277 34.12 3.38 9.36
C LEU B 277 33.86 3.75 7.91
N TYR B 278 32.93 4.67 7.71
CA TYR B 278 32.53 5.07 6.38
C TYR B 278 32.91 6.53 6.15
N LEU B 279 33.82 6.76 5.21
CA LEU B 279 34.29 8.10 4.87
C LEU B 279 33.95 8.52 3.45
N ASP B 280 33.26 7.65 2.70
CA ASP B 280 33.05 7.89 1.27
C ASP B 280 32.18 9.11 1.02
N HIS B 281 32.32 9.68 -0.18
CA HIS B 281 31.62 10.89 -0.61
C HIS B 281 31.86 12.08 0.33
N ASN B 282 33.11 12.52 0.37
CA ASN B 282 33.48 13.70 1.13
C ASN B 282 34.54 14.43 0.29
N SER B 283 35.33 15.30 0.90
CA SER B 283 36.46 15.95 0.21
C SER B 283 37.75 15.77 0.99
N ILE B 284 37.94 14.56 1.50
CA ILE B 284 39.08 14.26 2.36
C ILE B 284 40.34 14.07 1.51
N VAL B 285 41.45 14.62 1.99
CA VAL B 285 42.74 14.56 1.27
C VAL B 285 43.72 13.63 1.98
N THR B 286 43.82 13.76 3.29
CA THR B 286 44.65 12.87 4.08
C THR B 286 43.83 12.30 5.22
N PHE B 287 44.20 11.12 5.68
CA PHE B 287 43.54 10.50 6.83
C PHE B 287 44.49 9.49 7.46
N LYS B 288 44.69 9.58 8.77
CA LYS B 288 45.61 8.67 9.48
C LYS B 288 44.81 7.58 10.17
N LEU B 289 45.30 6.34 10.10
CA LEU B 289 44.72 5.23 10.85
C LEU B 289 45.82 4.25 11.27
N SER B 290 45.95 4.03 12.59
CA SER B 290 46.95 3.12 13.14
C SER B 290 46.61 1.68 12.79
N THR B 291 47.54 0.77 13.05
CA THR B 291 47.33 -0.65 12.80
C THR B 291 46.29 -1.18 13.80
N SER B 292 45.03 -1.21 13.36
CA SER B 292 43.90 -1.59 14.22
C SER B 292 43.37 -2.96 13.84
N HIS B 293 44.00 -4.00 14.39
CA HIS B 293 43.52 -5.38 14.23
C HIS B 293 42.41 -5.67 15.25
N THR B 294 41.14 -5.66 14.84
CA THR B 294 40.72 -5.54 13.44
C THR B 294 39.67 -4.45 13.15
N LEU B 295 39.72 -3.92 11.94
CA LEU B 295 38.67 -3.10 11.36
C LEU B 295 38.01 -3.93 10.27
N LYS B 296 36.70 -4.15 10.38
CA LYS B 296 35.97 -5.03 9.47
C LYS B 296 35.73 -4.41 8.09
N ASN B 297 35.35 -3.13 8.05
CA ASN B 297 34.94 -2.49 6.80
C ASN B 297 35.26 -0.98 6.80
N LEU B 298 35.68 -0.48 5.65
CA LEU B 298 36.16 0.89 5.51
C LEU B 298 35.81 1.39 4.11
N THR B 299 35.10 2.50 3.99
CA THR B 299 34.80 3.08 2.68
C THR B 299 35.56 4.40 2.52
N LEU B 300 36.20 4.55 1.35
CA LEU B 300 37.08 5.69 1.07
C LEU B 300 36.80 6.41 -0.25
N SER B 301 35.86 5.90 -1.04
CA SER B 301 35.69 6.36 -2.43
C SER B 301 35.09 7.75 -2.48
N HIS B 302 35.20 8.38 -3.64
CA HIS B 302 34.66 9.72 -3.87
C HIS B 302 35.14 10.73 -2.81
N ASN B 303 36.46 10.87 -2.75
CA ASN B 303 37.13 11.87 -1.91
C ASN B 303 38.18 12.61 -2.78
N ASP B 304 39.24 13.18 -2.18
CA ASP B 304 40.29 13.88 -2.93
C ASP B 304 41.67 13.46 -2.42
N TRP B 305 41.97 12.17 -2.49
CA TRP B 305 43.11 11.62 -1.75
C TRP B 305 44.46 12.08 -2.27
N ASP B 306 45.37 12.36 -1.33
CA ASP B 306 46.80 12.44 -1.61
C ASP B 306 47.33 11.01 -1.62
N CYS B 307 48.15 10.65 -2.61
CA CYS B 307 48.54 9.25 -2.80
C CYS B 307 49.37 8.69 -1.65
N ASN B 308 50.33 9.46 -1.16
CA ASN B 308 51.17 9.05 -0.02
C ASN B 308 50.33 8.69 1.22
N SER B 309 49.39 9.56 1.56
CA SER B 309 48.51 9.32 2.70
C SER B 309 47.63 8.10 2.47
N LEU B 310 47.12 7.95 1.24
CA LEU B 310 46.29 6.80 0.89
C LEU B 310 47.08 5.49 1.03
N ARG B 311 48.31 5.47 0.51
CA ARG B 311 49.18 4.28 0.57
C ARG B 311 49.43 3.81 1.99
N ALA B 312 49.88 4.72 2.84
CA ALA B 312 50.14 4.43 4.25
C ALA B 312 48.93 3.84 4.97
N LEU B 313 47.74 4.24 4.54
CA LEU B 313 46.49 3.73 5.10
C LEU B 313 46.29 2.24 4.80
N PHE B 314 46.75 1.78 3.64
CA PHE B 314 46.62 0.37 3.25
C PHE B 314 47.66 -0.54 3.89
N ARG B 315 48.81 0.02 4.29
CA ARG B 315 49.82 -0.74 5.03
C ARG B 315 49.31 -1.09 6.44
N ASN B 316 48.66 -0.11 7.09
CA ASN B 316 48.19 -0.27 8.47
C ASN B 316 46.83 -0.96 8.58
N VAL B 317 45.83 -0.41 7.90
CA VAL B 317 44.49 -0.98 7.90
C VAL B 317 44.33 -1.95 6.73
N VAL B 322 38.90 -2.74 2.98
CA VAL B 322 38.24 -1.82 2.05
C VAL B 322 37.06 -2.53 1.38
N HIS B 323 35.99 -1.78 1.12
CA HIS B 323 34.78 -2.35 0.52
C HIS B 323 34.22 -1.53 -0.65
N ASP B 324 34.92 -0.49 -1.08
CA ASP B 324 34.47 0.33 -2.21
C ASP B 324 35.64 0.80 -3.07
N ALA B 325 35.32 1.42 -4.20
CA ALA B 325 36.33 1.83 -5.17
C ALA B 325 35.83 3.00 -6.01
N ASP B 326 36.76 3.67 -6.70
CA ASP B 326 36.42 4.73 -7.64
C ASP B 326 36.42 4.18 -9.06
N GLN B 327 35.59 4.76 -9.92
CA GLN B 327 35.53 4.37 -11.33
C GLN B 327 36.31 5.34 -12.20
N HIS B 328 35.94 6.62 -12.15
CA HIS B 328 36.53 7.65 -12.99
C HIS B 328 37.26 8.70 -12.15
N CYS B 329 38.58 8.78 -12.34
CA CYS B 329 39.38 9.82 -11.68
C CYS B 329 39.41 11.07 -12.55
N LYS B 330 39.45 12.23 -11.91
CA LYS B 330 39.53 13.51 -12.61
C LYS B 330 40.99 13.85 -12.88
N ILE B 331 41.23 14.86 -13.71
CA ILE B 331 42.60 15.19 -14.14
C ILE B 331 43.53 15.40 -12.94
N ASP B 332 44.78 14.93 -13.08
CA ASP B 332 45.77 14.95 -12.01
C ASP B 332 45.69 13.74 -11.08
N TYR B 333 44.54 13.05 -11.06
CA TYR B 333 44.33 11.90 -10.19
C TYR B 333 44.39 10.59 -10.97
N HIS B 334 44.95 9.55 -10.34
CA HIS B 334 45.02 8.21 -10.93
C HIS B 334 44.62 7.15 -9.89
N LEU B 335 44.25 5.96 -10.37
CA LEU B 335 43.83 4.87 -9.49
C LEU B 335 45.02 4.21 -8.77
N GLU B 336 44.78 3.90 -7.50
CA GLU B 336 45.78 3.29 -6.63
C GLU B 336 45.02 2.40 -5.64
N HIS B 337 45.05 1.09 -5.88
CA HIS B 337 44.22 0.12 -5.16
C HIS B 337 42.73 0.44 -5.34
N GLY B 338 42.35 0.79 -6.57
CA GLY B 338 40.95 1.04 -6.90
C GLY B 338 40.38 2.37 -6.42
N LEU B 339 41.22 3.25 -5.90
CA LEU B 339 40.80 4.56 -5.40
C LEU B 339 41.65 5.67 -6.03
N CYS B 340 41.01 6.78 -6.39
CA CYS B 340 41.71 7.90 -7.00
C CYS B 340 42.61 8.62 -5.99
N CYS B 341 43.76 9.08 -6.47
CA CYS B 341 44.63 9.91 -5.64
C CYS B 341 45.57 10.76 -6.51
N LYS B 342 46.05 11.87 -5.95
CA LYS B 342 46.95 12.79 -6.65
C LYS B 342 48.35 12.72 -6.03
N GLU B 343 49.37 12.78 -6.89
CA GLU B 343 50.77 12.72 -6.45
C GLU B 343 51.25 14.06 -5.92
N SER B 344 52.29 14.01 -5.09
CA SER B 344 52.94 15.22 -4.57
C SER B 344 53.91 15.80 -5.60
C1 NAG C . -10.96 -6.10 -8.50
C2 NAG C . -12.12 -5.17 -8.13
C3 NAG C . -11.63 -3.72 -8.02
C4 NAG C . -10.45 -3.63 -7.05
C5 NAG C . -9.42 -4.70 -7.39
C6 NAG C . -8.33 -4.72 -6.31
C7 NAG C . -14.42 -5.17 -8.95
C8 NAG C . -15.34 -5.11 -10.12
N2 NAG C . -13.11 -5.17 -9.17
O3 NAG C . -12.68 -2.85 -7.65
O4 NAG C . -9.78 -2.37 -7.24
O5 NAG C . -10.00 -5.99 -7.48
O6 NAG C . -7.20 -4.15 -6.93
O7 NAG C . -14.87 -5.21 -7.82
C1 NAG C . -9.97 -1.45 -6.16
C2 NAG C . -8.85 -0.41 -6.21
C3 NAG C . -9.03 0.58 -5.07
C4 NAG C . -10.47 1.04 -4.85
C5 NAG C . -11.52 -0.06 -5.09
C6 NAG C . -12.91 0.54 -5.26
C7 NAG C . -6.52 -0.89 -6.86
C8 NAG C . -5.28 -1.70 -6.59
N2 NAG C . -7.57 -1.11 -6.07
O3 NAG C . -8.20 1.71 -5.33
O4 NAG C . -10.60 1.52 -3.53
O5 NAG C . -11.20 -0.78 -6.26
O6 NAG C . -13.87 -0.49 -5.18
O7 NAG C . -6.50 -0.08 -7.78
C1 NAG D . 9.30 2.33 13.26
C2 NAG D . 10.28 1.16 13.10
C3 NAG D . 10.77 1.01 11.66
C4 NAG D . 9.59 1.07 10.68
C5 NAG D . 8.75 2.31 10.97
C6 NAG D . 7.56 2.40 10.00
C7 NAG D . 11.89 0.43 14.81
C8 NAG D . 13.07 0.80 15.65
N2 NAG D . 11.42 1.38 13.99
O3 NAG D . 11.46 -0.23 11.57
O4 NAG D . 10.01 1.18 9.32
O5 NAG D . 8.28 2.26 12.30
O6 NAG D . 6.74 1.27 10.18
O7 NAG D . 11.40 -0.69 14.88
C1 NAG D . 9.71 -0.03 8.59
C2 NAG D . 9.80 0.27 7.09
C3 NAG D . 9.77 -0.98 6.22
C4 NAG D . 10.68 -2.07 6.76
C5 NAG D . 10.42 -2.29 8.25
C6 NAG D . 11.38 -3.32 8.83
C7 NAG D . 8.83 2.29 6.17
C8 NAG D . 7.58 3.06 5.81
N2 NAG D . 8.66 1.09 6.71
O3 NAG D . 10.17 -0.64 4.91
O4 NAG D . 10.44 -3.25 6.04
O5 NAG D . 10.59 -1.07 8.97
O6 NAG D . 12.63 -2.71 9.10
O7 NAG D . 9.92 2.78 5.95
P PO4 E . -12.48 -4.12 -34.05
O1 PO4 E . -12.48 -3.67 -35.51
O2 PO4 E . -13.82 -3.81 -33.44
O3 PO4 E . -11.35 -3.38 -33.35
O4 PO4 E . -12.23 -5.61 -33.97
C ACT F . -6.48 -6.04 0.43
O ACT F . -7.58 -5.96 1.00
OXT ACT F . -5.63 -5.10 0.42
CH3 ACT F . -6.15 -7.31 -0.27
C1 GOL G . -8.42 24.75 -29.05
O1 GOL G . -9.16 25.42 -30.09
C2 GOL G . -9.36 24.08 -28.01
O2 GOL G . -9.77 22.79 -28.50
C3 GOL G . -8.66 23.90 -26.68
O3 GOL G . -9.61 23.55 -25.66
C1 GOL H . -9.93 2.77 -13.84
O1 GOL H . -9.29 1.51 -13.57
C2 GOL H . -9.70 3.25 -15.30
O2 GOL H . -8.87 4.41 -15.34
C3 GOL H . -11.02 3.56 -15.98
O3 GOL H . -10.83 3.73 -17.40
C1 GOL I . -15.44 -8.97 -6.88
O1 GOL I . -15.19 -8.98 -8.29
C2 GOL I . -14.56 -7.94 -6.20
O2 GOL I . -13.17 -8.16 -6.49
C3 GOL I . -14.80 -7.96 -4.69
O3 GOL I . -14.70 -6.62 -4.18
C1 GOL J . 3.31 -4.51 -24.73
O1 GOL J . 2.79 -5.84 -24.57
C2 GOL J . 2.37 -3.66 -25.57
O2 GOL J . 2.73 -3.68 -26.95
C3 GOL J . 2.39 -2.20 -25.08
O3 GOL J . 1.33 -2.01 -24.11
C1 GOL K . -0.48 -17.40 -22.37
O1 GOL K . 0.04 -16.08 -22.51
C2 GOL K . -0.18 -17.96 -20.97
O2 GOL K . -1.39 -18.49 -20.42
C3 GOL K . 0.90 -19.05 -20.98
O3 GOL K . 1.92 -18.79 -20.02
C1 GOL L . -0.75 1.00 -17.61
O1 GOL L . -1.05 0.72 -16.23
C2 GOL L . -1.97 0.67 -18.47
O2 GOL L . -2.44 1.82 -19.17
C3 GOL L . -1.68 -0.43 -19.47
O3 GOL L . -2.76 -0.57 -20.40
CL CL M . -5.42 -31.23 -7.13
C ACT N . 26.84 21.24 17.23
O ACT N . 26.82 19.99 17.27
OXT ACT N . 27.83 21.88 16.82
CH3 ACT N . 25.66 22.03 17.68
P PO4 O . 4.62 21.68 19.13
O1 PO4 O . 3.92 20.36 18.93
O2 PO4 O . 3.59 22.78 19.22
O3 PO4 O . 5.41 21.67 20.41
O4 PO4 O . 5.55 21.92 17.96
P PO4 P . 18.45 5.95 5.95
O1 PO4 P . 17.76 6.49 4.72
O2 PO4 P . 19.67 5.14 5.54
O3 PO4 P . 17.51 5.06 6.73
O4 PO4 P . 18.91 7.11 6.82
CL CL Q . 9.26 -2.93 19.69
NA NA R . 20.29 7.73 27.62
#